data_8GT0
#
_entry.id   8GT0
#
_cell.length_a   65.100
_cell.length_b   118.063
_cell.length_c   119.340
_cell.angle_alpha   90.000
_cell.angle_beta   90.000
_cell.angle_gamma   90.000
#
_symmetry.space_group_name_H-M   'P 21 21 21'
#
loop_
_entity.id
_entity.type
_entity.pdbx_description
1 polymer 'Cysteine protease falcipain-2'
2 polymer Cystatin-A
3 non-polymer GLYCEROL
4 non-polymer 'SODIUM ION'
5 non-polymer DI(HYDROXYETHYL)ETHER
6 non-polymer 3,6,9,12,15,18,21-HEPTAOXATRICOSANE-1,23-DIOL
7 non-polymer 1,2-ETHANEDIOL
8 non-polymer 'TETRAETHYLENE GLYCOL'
9 non-polymer 'SULFATE ION'
10 non-polymer 'CHLORIDE ION'
11 water water
#
loop_
_entity_poly.entity_id
_entity_poly.type
_entity_poly.pdbx_seq_one_letter_code
_entity_poly.pdbx_strand_id
1 'polypeptide(L)'
;QMNYEEVIKKYKGNENFDHAAYDWRLHSGVTPVKDQKNCGSCWAFSSIGSVESQYAIRKNKLITLSEQELVDCSFKNYGC
NGGLINNAFEDMIELGGICTDDDYPYVSDAPNLCNIDRCTEKYGIKNYLSVPDNKLKEALRFLGPISISVAVSDDFAFYK
EGIFDGECGDQLNHAVMLVGFGMKEIVNPLTKKGEKHYYYIIKNSWGQQWGERGFINIETDESGLMRKCGLGTDAFIPLI
E
;
A,C,E
2 'polypeptide(L)'
;MIPGGLSEAKPATPEIQEIVDKVKPQLEEKTNETYGKLEAVQYKTQVVAGTNYYIKVRAGDNKYMHLKVFKSLPGQNEDL
VLTGYQVDKNKDDELTGF
;
B,D
#
loop_
_chem_comp.id
_chem_comp.type
_chem_comp.name
_chem_comp.formula
CL non-polymer 'CHLORIDE ION' 'Cl -1'
EDO non-polymer 1,2-ETHANEDIOL 'C2 H6 O2'
GOL non-polymer GLYCEROL 'C3 H8 O3'
NA non-polymer 'SODIUM ION' 'Na 1'
PE8 non-polymer 3,6,9,12,15,18,21-HEPTAOXATRICOSANE-1,23-DIOL 'C16 H34 O9'
PEG non-polymer DI(HYDROXYETHYL)ETHER 'C4 H10 O3'
PG4 non-polymer 'TETRAETHYLENE GLYCOL' 'C8 H18 O5'
SO4 non-polymer 'SULFATE ION' 'O4 S -2'
#
# COMPACT_ATOMS: atom_id res chain seq x y z
N GLN A 1 14.10 -22.69 -22.80
CA GLN A 1 14.01 -23.86 -23.66
C GLN A 1 12.91 -23.68 -24.69
N MET A 2 12.08 -22.65 -24.50
CA MET A 2 11.04 -22.25 -25.43
C MET A 2 11.06 -20.74 -25.58
N ASN A 3 10.70 -20.25 -26.76
CA ASN A 3 10.79 -18.84 -27.03
C ASN A 3 9.54 -18.33 -27.76
N TYR A 4 9.60 -17.04 -28.12
CA TYR A 4 8.57 -16.28 -28.80
C TYR A 4 8.30 -16.79 -30.21
N GLU A 5 9.17 -17.65 -30.74
CA GLU A 5 9.08 -18.05 -32.15
C GLU A 5 7.72 -18.62 -32.49
N GLU A 6 7.10 -19.36 -31.56
CA GLU A 6 5.76 -19.88 -31.79
C GLU A 6 4.91 -19.73 -30.53
N VAL A 7 4.93 -18.56 -29.91
CA VAL A 7 4.05 -18.30 -28.78
C VAL A 7 3.01 -17.23 -29.06
N ILE A 8 3.18 -16.40 -30.09
CA ILE A 8 2.20 -15.36 -30.39
C ILE A 8 1.14 -15.87 -31.35
N LYS A 9 1.31 -17.09 -31.86
CA LYS A 9 0.25 -17.74 -32.62
C LYS A 9 -0.97 -18.00 -31.76
N LYS A 10 -0.77 -18.27 -30.47
CA LYS A 10 -1.89 -18.50 -29.57
C LYS A 10 -2.41 -17.23 -28.92
N TYR A 11 -1.81 -16.06 -29.18
CA TYR A 11 -2.45 -14.86 -28.66
C TYR A 11 -2.73 -13.71 -29.62
N LYS A 12 -1.67 -13.18 -30.26
CA LYS A 12 -1.89 -11.91 -30.96
C LYS A 12 -1.09 -11.76 -32.25
N GLY A 13 -0.58 -12.84 -32.83
CA GLY A 13 0.16 -12.70 -34.09
C GLY A 13 -0.70 -12.11 -35.19
N ASN A 14 -1.91 -12.62 -35.33
CA ASN A 14 -2.86 -12.10 -36.31
C ASN A 14 -3.89 -11.22 -35.60
N GLU A 15 -3.41 -10.09 -35.09
CA GLU A 15 -4.29 -9.15 -34.39
C GLU A 15 -3.64 -7.76 -34.33
N ASN A 16 -4.20 -6.90 -33.48
CA ASN A 16 -3.83 -5.50 -33.39
C ASN A 16 -3.49 -5.13 -31.95
N PHE A 17 -2.67 -4.10 -31.80
CA PHE A 17 -2.05 -3.70 -30.54
C PHE A 17 -2.38 -2.24 -30.27
N ASP A 18 -2.92 -1.96 -29.09
CA ASP A 18 -3.13 -0.60 -28.64
C ASP A 18 -1.78 -0.06 -28.23
N HIS A 19 -1.08 0.61 -29.14
CA HIS A 19 0.23 1.11 -28.74
C HIS A 19 0.06 2.32 -27.81
N ALA A 20 -0.78 2.23 -26.76
CA ALA A 20 -0.78 3.31 -25.79
C ALA A 20 -0.68 2.89 -24.33
N ALA A 21 -1.62 2.05 -23.88
CA ALA A 21 -1.95 2.01 -22.46
C ALA A 21 -2.62 0.69 -22.10
N TYR A 22 -1.99 -0.07 -21.21
CA TYR A 22 -2.64 -1.25 -20.64
C TYR A 22 -1.98 -1.62 -19.32
N ASP A 23 -2.63 -1.29 -18.20
CA ASP A 23 -2.14 -1.69 -16.88
C ASP A 23 -2.71 -3.06 -16.57
N TRP A 24 -1.84 -4.07 -16.53
CA TRP A 24 -2.25 -5.39 -16.08
C TRP A 24 -2.53 -5.43 -14.59
N ARG A 25 -2.19 -4.35 -13.86
CA ARG A 25 -2.62 -4.25 -12.48
C ARG A 25 -4.14 -4.14 -12.37
N LEU A 26 -4.82 -3.68 -13.43
CA LEU A 26 -6.24 -3.34 -13.37
C LEU A 26 -7.16 -4.38 -13.98
N HIS A 27 -6.65 -5.56 -14.33
CA HIS A 27 -7.42 -6.52 -15.09
C HIS A 27 -7.27 -7.93 -14.52
N SER A 28 -7.29 -8.03 -13.19
CA SER A 28 -7.19 -9.30 -12.48
C SER A 28 -5.92 -10.08 -12.81
N GLY A 29 -4.75 -9.44 -12.75
CA GLY A 29 -3.51 -10.19 -12.84
C GLY A 29 -2.45 -9.94 -11.78
N VAL A 30 -2.33 -8.72 -11.26
CA VAL A 30 -1.18 -8.36 -10.43
C VAL A 30 -1.45 -8.67 -8.97
N THR A 31 -0.47 -9.27 -8.31
CA THR A 31 -0.56 -9.79 -6.95
C THR A 31 0.10 -8.84 -5.95
N PRO A 32 -0.29 -8.95 -4.68
CA PRO A 32 0.19 -7.99 -3.67
C PRO A 32 1.71 -7.93 -3.59
N VAL A 33 2.22 -6.71 -3.43
CA VAL A 33 3.65 -6.46 -3.39
C VAL A 33 4.25 -7.05 -2.14
N LYS A 34 5.43 -7.67 -2.27
CA LYS A 34 6.13 -8.32 -1.18
C LYS A 34 7.52 -7.72 -1.04
N ASP A 35 7.95 -7.53 0.19
CA ASP A 35 9.22 -6.87 0.53
C ASP A 35 10.32 -7.89 0.74
N GLN A 36 11.57 -7.44 0.53
CA GLN A 36 12.74 -8.28 0.73
C GLN A 36 13.76 -7.71 1.70
N LYS A 37 13.59 -6.46 2.15
CA LYS A 37 14.42 -5.92 3.23
C LYS A 37 15.91 -5.98 2.88
N ASN A 38 16.73 -6.72 3.62
CA ASN A 38 18.19 -6.60 3.46
C ASN A 38 18.87 -7.90 3.04
N CYS A 39 18.30 -8.63 2.08
CA CYS A 39 18.89 -9.87 1.58
C CYS A 39 18.48 -10.05 0.12
N GLY A 40 19.43 -9.90 -0.80
CA GLY A 40 19.09 -9.81 -2.20
C GLY A 40 18.38 -11.02 -2.74
N SER A 41 17.08 -10.89 -2.93
CA SER A 41 16.24 -11.98 -3.44
C SER A 41 15.29 -11.47 -4.51
N CYS A 42 15.55 -10.27 -5.05
CA CYS A 42 14.72 -9.68 -6.09
C CYS A 42 14.36 -10.68 -7.19
N TRP A 43 15.37 -11.40 -7.69
CA TRP A 43 15.16 -12.42 -8.72
C TRP A 43 14.11 -13.45 -8.30
N ALA A 44 14.25 -14.00 -7.08
CA ALA A 44 13.29 -15.01 -6.64
C ALA A 44 11.90 -14.40 -6.46
N PHE A 45 11.84 -13.16 -5.95
CA PHE A 45 10.56 -12.47 -5.82
C PHE A 45 9.84 -12.35 -7.16
N SER A 46 10.55 -11.89 -8.17
CA SER A 46 9.93 -11.70 -9.49
C SER A 46 9.52 -13.04 -10.09
N SER A 47 10.28 -14.10 -9.82
CA SER A 47 9.90 -15.43 -10.29
C SER A 47 8.53 -15.83 -9.75
N ILE A 48 8.36 -15.78 -8.43
CA ILE A 48 7.07 -16.16 -7.84
C ILE A 48 5.98 -15.16 -8.20
N GLY A 49 6.34 -13.89 -8.35
CA GLY A 49 5.35 -12.91 -8.76
C GLY A 49 4.78 -13.22 -10.13
N SER A 50 5.64 -13.59 -11.08
CA SER A 50 5.18 -13.89 -12.43
C SER A 50 4.29 -15.14 -12.46
N VAL A 51 4.65 -16.17 -11.67
CA VAL A 51 3.81 -17.36 -11.59
C VAL A 51 2.50 -17.05 -10.89
N GLU A 52 2.52 -16.14 -9.90
CA GLU A 52 1.28 -15.67 -9.29
C GLU A 52 0.37 -15.07 -10.35
N SER A 53 0.93 -14.22 -11.22
CA SER A 53 0.14 -13.56 -12.23
C SER A 53 -0.48 -14.55 -13.22
N GLN A 54 0.31 -15.54 -13.65
CA GLN A 54 -0.20 -16.52 -14.61
C GLN A 54 -1.43 -17.25 -14.06
N TYR A 55 -1.32 -17.81 -12.85
CA TYR A 55 -2.47 -18.42 -12.21
C TYR A 55 -3.62 -17.42 -12.04
N ALA A 56 -3.29 -16.17 -11.69
CA ALA A 56 -4.35 -15.21 -11.41
C ALA A 56 -5.12 -14.83 -12.69
N ILE A 57 -4.51 -14.96 -13.86
CA ILE A 57 -5.23 -14.59 -15.07
C ILE A 57 -6.10 -15.74 -15.60
N ARG A 58 -5.63 -16.99 -15.47
CA ARG A 58 -6.37 -18.10 -16.06
C ARG A 58 -7.57 -18.58 -15.25
N LYS A 59 -7.33 -19.23 -14.11
CA LYS A 59 -8.43 -19.62 -13.25
C LYS A 59 -8.70 -18.60 -12.16
N ASN A 60 -7.95 -17.48 -12.16
CA ASN A 60 -8.20 -16.37 -11.24
C ASN A 60 -8.06 -16.83 -9.79
N LYS A 61 -6.83 -17.22 -9.47
CA LYS A 61 -6.44 -17.72 -8.16
C LYS A 61 -5.44 -16.77 -7.54
N LEU A 62 -5.85 -16.06 -6.48
CA LEU A 62 -4.96 -15.15 -5.78
C LEU A 62 -4.11 -15.92 -4.77
N ILE A 63 -3.28 -16.81 -5.31
CA ILE A 63 -2.30 -17.57 -4.53
C ILE A 63 -0.96 -16.85 -4.63
N THR A 64 -0.21 -16.89 -3.54
CA THR A 64 1.10 -16.24 -3.45
C THR A 64 2.12 -17.25 -2.97
N LEU A 65 3.24 -17.33 -3.68
CA LEU A 65 4.29 -18.28 -3.41
C LEU A 65 5.43 -17.59 -2.65
N SER A 66 6.45 -18.35 -2.31
CA SER A 66 7.47 -17.87 -1.40
C SER A 66 8.78 -17.58 -2.10
N GLU A 67 9.59 -16.75 -1.45
CA GLU A 67 10.82 -16.23 -2.03
C GLU A 67 12.08 -16.78 -1.36
N GLN A 68 12.01 -17.19 -0.09
CA GLN A 68 13.15 -17.82 0.55
C GLN A 68 13.32 -19.27 0.07
N GLU A 69 12.23 -19.88 -0.42
CA GLU A 69 12.33 -21.19 -1.06
C GLU A 69 13.37 -21.14 -2.18
N LEU A 70 13.32 -20.11 -3.02
CA LEU A 70 14.37 -19.88 -3.99
C LEU A 70 15.39 -18.88 -3.44
N VAL A 71 15.86 -19.16 -2.22
CA VAL A 71 17.06 -18.52 -1.71
C VAL A 71 17.94 -19.61 -1.10
N ASP A 72 17.32 -20.74 -0.79
CA ASP A 72 17.98 -21.89 -0.19
C ASP A 72 18.02 -23.10 -1.12
N CYS A 73 16.99 -23.27 -1.96
CA CYS A 73 16.94 -24.32 -2.95
C CYS A 73 17.34 -23.83 -4.34
N SER A 74 18.25 -22.85 -4.39
CA SER A 74 18.74 -22.29 -5.65
C SER A 74 19.89 -23.13 -6.14
N PHE A 75 19.61 -24.08 -7.03
CA PHE A 75 20.62 -25.02 -7.48
C PHE A 75 21.62 -24.36 -8.42
N LYS A 76 21.17 -23.97 -9.61
CA LYS A 76 22.06 -23.35 -10.58
C LYS A 76 22.06 -21.84 -10.50
N ASN A 77 21.26 -21.27 -9.60
CA ASN A 77 21.28 -19.86 -9.27
C ASN A 77 22.23 -19.62 -8.11
N TYR A 78 22.42 -18.35 -7.74
CA TYR A 78 23.30 -18.14 -6.61
C TYR A 78 22.57 -18.28 -5.27
N GLY A 79 21.73 -17.30 -4.92
CA GLY A 79 21.19 -17.26 -3.57
C GLY A 79 20.64 -15.94 -3.05
N CYS A 80 20.68 -15.75 -1.73
CA CYS A 80 20.10 -14.57 -1.10
C CYS A 80 20.98 -13.33 -1.23
N ASN A 81 22.05 -13.41 -2.02
CA ASN A 81 22.95 -12.29 -2.24
C ASN A 81 23.21 -12.11 -3.74
N GLY A 82 22.21 -12.39 -4.56
CA GLY A 82 22.34 -12.31 -6.00
C GLY A 82 21.79 -13.54 -6.69
N GLY A 83 21.49 -13.43 -7.97
CA GLY A 83 20.95 -14.55 -8.70
C GLY A 83 20.25 -14.11 -9.96
N LEU A 84 20.12 -15.05 -10.88
CA LEU A 84 19.55 -14.79 -12.20
C LEU A 84 18.09 -15.24 -12.25
N ILE A 85 17.30 -14.55 -13.08
CA ILE A 85 15.87 -14.79 -13.09
C ILE A 85 15.50 -15.99 -13.95
N ASN A 86 16.29 -16.28 -14.98
CA ASN A 86 15.87 -17.29 -15.94
C ASN A 86 16.22 -18.70 -15.48
N ASN A 87 17.35 -18.86 -14.80
CA ASN A 87 17.74 -20.19 -14.34
C ASN A 87 17.06 -20.56 -13.01
N ALA A 88 16.16 -19.71 -12.52
CA ALA A 88 15.30 -20.09 -11.40
C ALA A 88 14.04 -20.78 -11.90
N PHE A 89 13.52 -20.39 -13.08
CA PHE A 89 12.38 -21.10 -13.64
C PHE A 89 12.73 -22.54 -13.97
N GLU A 90 13.96 -22.80 -14.40
CA GLU A 90 14.37 -24.15 -14.77
C GLU A 90 14.53 -25.03 -13.55
N ASP A 91 15.17 -24.52 -12.49
CA ASP A 91 15.22 -25.26 -11.23
C ASP A 91 13.81 -25.55 -10.72
N MET A 92 12.89 -24.63 -10.98
CA MET A 92 11.50 -24.82 -10.59
C MET A 92 10.81 -25.87 -11.45
N ILE A 93 11.26 -26.06 -12.69
CA ILE A 93 10.62 -27.01 -13.59
C ILE A 93 11.02 -28.44 -13.27
N GLU A 94 12.20 -28.64 -12.69
CA GLU A 94 12.74 -29.95 -12.38
C GLU A 94 12.43 -30.40 -10.95
N LEU A 95 12.56 -29.49 -9.97
CA LEU A 95 12.23 -29.77 -8.59
C LEU A 95 10.79 -30.21 -8.43
N GLY A 96 9.87 -29.35 -8.84
CA GLY A 96 8.44 -29.58 -8.83
C GLY A 96 7.58 -28.43 -8.37
N GLY A 97 8.05 -27.57 -7.48
CA GLY A 97 7.24 -26.42 -7.12
C GLY A 97 7.70 -25.68 -5.89
N ILE A 98 7.09 -24.49 -5.71
CA ILE A 98 7.38 -23.60 -4.59
C ILE A 98 6.23 -23.65 -3.60
N CYS A 99 6.56 -23.51 -2.33
CA CYS A 99 5.57 -23.57 -1.26
C CYS A 99 5.03 -22.17 -0.96
N THR A 100 3.76 -22.14 -0.57
CA THR A 100 3.05 -20.88 -0.37
C THR A 100 3.71 -20.02 0.69
N ASP A 101 3.41 -18.72 0.63
CA ASP A 101 4.06 -17.78 1.53
C ASP A 101 3.75 -18.08 2.99
N ASP A 102 2.68 -18.82 3.28
CA ASP A 102 2.41 -19.31 4.62
C ASP A 102 3.10 -20.65 4.87
N ASP A 103 3.00 -21.59 3.94
CA ASP A 103 3.59 -22.92 4.09
C ASP A 103 5.12 -22.90 4.06
N TYR A 104 5.73 -21.73 3.80
CA TYR A 104 7.18 -21.55 3.76
C TYR A 104 7.49 -20.05 3.84
N PRO A 105 8.27 -19.59 4.86
CA PRO A 105 8.43 -18.15 5.12
C PRO A 105 9.65 -17.46 4.52
N TYR A 106 9.65 -16.14 4.57
CA TYR A 106 10.78 -15.29 4.20
C TYR A 106 11.25 -14.52 5.42
N VAL A 107 12.55 -14.55 5.69
CA VAL A 107 13.13 -13.94 6.90
C VAL A 107 14.19 -12.89 6.53
N SER A 108 14.29 -12.51 5.28
CA SER A 108 15.19 -11.46 4.78
C SER A 108 16.63 -11.80 5.18
N ASP A 109 17.40 -10.85 5.71
CA ASP A 109 18.82 -11.07 5.99
C ASP A 109 18.96 -11.95 7.23
N ALA A 110 18.75 -13.26 7.02
CA ALA A 110 18.76 -14.22 8.12
C ALA A 110 18.91 -15.62 7.55
N PRO A 111 19.77 -16.45 8.15
CA PRO A 111 19.94 -17.83 7.66
C PRO A 111 18.67 -18.66 7.76
N ASN A 112 18.40 -19.42 6.71
CA ASN A 112 17.23 -20.29 6.64
C ASN A 112 17.54 -21.50 5.76
N LEU A 113 16.66 -22.49 5.84
CA LEU A 113 16.82 -23.82 5.25
C LEU A 113 15.81 -24.01 4.13
N CYS A 114 15.89 -25.18 3.48
CA CYS A 114 14.95 -25.56 2.42
C CYS A 114 14.43 -26.97 2.63
N ASN A 115 13.12 -27.13 2.60
CA ASN A 115 12.46 -28.42 2.52
C ASN A 115 11.39 -28.33 1.44
N ILE A 116 11.39 -29.30 0.52
CA ILE A 116 10.39 -29.34 -0.54
C ILE A 116 9.31 -30.33 -0.12
N ASP A 117 9.18 -30.52 1.19
CA ASP A 117 8.07 -31.29 1.76
C ASP A 117 7.32 -30.50 2.83
N ARG A 118 7.43 -29.17 2.81
CA ARG A 118 6.61 -28.31 3.65
C ARG A 118 5.38 -27.82 2.90
N CYS A 119 4.91 -28.60 1.94
CA CYS A 119 3.70 -28.22 1.20
C CYS A 119 3.11 -29.50 0.62
N THR A 120 1.83 -29.42 0.27
CA THR A 120 1.17 -30.47 -0.47
C THR A 120 0.56 -29.96 -1.76
N GLU A 121 0.77 -28.68 -2.09
CA GLU A 121 0.11 -28.03 -3.21
C GLU A 121 1.02 -28.01 -4.43
N LYS A 122 0.50 -28.40 -5.58
CA LYS A 122 1.29 -28.59 -6.80
C LYS A 122 1.28 -27.29 -7.61
N TYR A 123 2.32 -26.49 -7.45
CA TYR A 123 2.43 -25.16 -8.07
C TYR A 123 3.70 -25.12 -8.93
N GLY A 124 3.58 -25.33 -10.24
CA GLY A 124 4.75 -25.38 -11.08
C GLY A 124 4.50 -24.92 -12.51
N ILE A 125 5.60 -24.77 -13.24
CA ILE A 125 5.57 -24.30 -14.62
C ILE A 125 6.02 -25.43 -15.54
N LYS A 126 5.80 -25.23 -16.84
CA LYS A 126 6.21 -26.17 -17.87
C LYS A 126 7.27 -25.60 -18.80
N ASN A 127 7.16 -24.32 -19.17
CA ASN A 127 8.15 -23.67 -20.01
C ASN A 127 8.32 -22.22 -19.56
N TYR A 128 9.47 -21.66 -19.88
CA TYR A 128 9.70 -20.23 -19.72
C TYR A 128 10.00 -19.62 -21.08
N LEU A 129 10.22 -18.31 -21.09
CA LEU A 129 10.29 -17.60 -22.36
C LEU A 129 11.08 -16.30 -22.16
N SER A 130 11.69 -15.85 -23.25
CA SER A 130 12.36 -14.56 -23.29
C SER A 130 11.68 -13.68 -24.34
N VAL A 131 11.54 -12.40 -23.99
CA VAL A 131 10.90 -11.40 -24.83
C VAL A 131 11.98 -10.40 -25.24
N PRO A 132 11.99 -9.94 -26.49
CA PRO A 132 13.08 -9.06 -26.95
C PRO A 132 13.15 -7.73 -26.21
N ASP A 133 14.17 -6.94 -26.54
CA ASP A 133 14.42 -5.66 -25.87
C ASP A 133 13.42 -4.58 -26.25
N ASN A 134 12.49 -4.88 -27.14
CA ASN A 134 11.53 -3.87 -27.57
C ASN A 134 10.08 -4.25 -27.31
N LYS A 135 9.72 -5.52 -27.45
CA LYS A 135 8.31 -5.88 -27.29
C LYS A 135 7.91 -6.02 -25.83
N LEU A 136 8.26 -5.03 -25.00
CA LEU A 136 7.90 -5.07 -23.58
C LEU A 136 6.45 -4.70 -23.38
N LYS A 137 5.94 -3.75 -24.15
CA LYS A 137 4.52 -3.43 -24.15
C LYS A 137 3.73 -4.39 -25.04
N GLU A 138 4.27 -4.71 -26.23
CA GLU A 138 3.55 -5.57 -27.15
C GLU A 138 3.26 -6.93 -26.55
N ALA A 139 4.21 -7.49 -25.81
CA ALA A 139 4.05 -8.79 -25.17
C ALA A 139 3.67 -8.70 -23.70
N LEU A 140 3.47 -7.49 -23.16
CA LEU A 140 2.97 -7.37 -21.80
C LEU A 140 1.51 -7.80 -21.72
N ARG A 141 0.72 -7.53 -22.78
CA ARG A 141 -0.72 -7.71 -22.65
C ARG A 141 -1.20 -9.13 -22.93
N PHE A 142 -1.10 -9.62 -24.17
CA PHE A 142 -1.72 -10.90 -24.50
C PHE A 142 -0.98 -12.09 -23.91
N LEU A 143 0.30 -11.92 -23.57
CA LEU A 143 1.09 -12.95 -22.90
C LEU A 143 1.15 -12.78 -21.38
N GLY A 144 1.20 -11.55 -20.89
CA GLY A 144 1.28 -11.31 -19.47
C GLY A 144 2.50 -10.49 -19.10
N PRO A 145 2.56 -10.04 -17.83
CA PRO A 145 3.69 -9.23 -17.38
C PRO A 145 5.03 -9.92 -17.58
N ILE A 146 6.11 -9.15 -17.58
CA ILE A 146 7.44 -9.65 -17.90
C ILE A 146 8.35 -9.37 -16.71
N SER A 147 9.06 -10.41 -16.26
CA SER A 147 10.12 -10.23 -15.27
C SER A 147 11.32 -9.60 -15.95
N ILE A 148 11.50 -8.30 -15.72
CA ILE A 148 12.46 -7.45 -16.43
C ILE A 148 13.50 -6.98 -15.43
N SER A 149 14.38 -6.09 -15.84
CA SER A 149 15.29 -5.46 -14.89
C SER A 149 15.32 -3.97 -15.12
N VAL A 150 15.86 -3.26 -14.13
CA VAL A 150 15.95 -1.81 -14.15
C VAL A 150 17.26 -1.40 -13.48
N ALA A 151 17.83 -0.29 -13.97
CA ALA A 151 19.07 0.26 -13.42
C ALA A 151 18.74 1.02 -12.14
N VAL A 152 19.13 0.45 -11.00
CA VAL A 152 18.77 0.99 -9.68
C VAL A 152 19.75 2.10 -9.31
N SER A 153 19.21 3.22 -8.85
CA SER A 153 20.00 4.33 -8.35
C SER A 153 19.17 5.07 -7.30
N ASP A 154 19.75 6.12 -6.73
CA ASP A 154 18.98 7.00 -5.86
C ASP A 154 17.95 7.79 -6.66
N ASP A 155 18.20 8.00 -7.95
CA ASP A 155 17.23 8.67 -8.81
C ASP A 155 16.01 7.78 -9.05
N PHE A 156 16.25 6.52 -9.40
CA PHE A 156 15.17 5.57 -9.63
C PHE A 156 14.33 5.37 -8.38
N ALA A 157 14.95 5.49 -7.20
CA ALA A 157 14.27 5.23 -5.94
C ALA A 157 13.54 6.44 -5.38
N PHE A 158 13.62 7.61 -6.02
CA PHE A 158 12.85 8.74 -5.54
C PHE A 158 11.37 8.45 -5.74
N TYR A 159 10.69 8.09 -4.65
CA TYR A 159 9.41 7.40 -4.73
C TYR A 159 8.25 8.37 -4.51
N LYS A 160 8.04 9.21 -5.52
CA LYS A 160 6.89 10.10 -5.58
C LYS A 160 5.98 9.68 -6.74
N GLU A 161 4.89 10.41 -6.88
CA GLU A 161 3.93 10.17 -7.95
C GLU A 161 4.39 10.91 -9.21
N GLY A 162 4.66 10.16 -10.26
CA GLY A 162 4.96 10.79 -11.53
C GLY A 162 5.64 9.83 -12.49
N ILE A 163 5.82 10.33 -13.70
CA ILE A 163 6.60 9.66 -14.72
C ILE A 163 8.08 9.89 -14.42
N PHE A 164 8.87 8.82 -14.48
CA PHE A 164 10.29 8.94 -14.10
C PHE A 164 11.11 9.39 -15.29
N ASP A 165 11.18 10.70 -15.48
CA ASP A 165 12.12 11.32 -16.42
C ASP A 165 13.32 11.82 -15.61
N GLY A 166 14.17 10.89 -15.22
CA GLY A 166 15.39 11.21 -14.49
C GLY A 166 16.52 10.27 -14.80
N GLU A 167 17.63 10.36 -14.06
CA GLU A 167 18.80 9.54 -14.32
C GLU A 167 18.58 8.14 -13.74
N CYS A 168 19.62 7.32 -13.78
CA CYS A 168 19.48 5.89 -13.49
C CYS A 168 20.74 5.35 -12.82
N GLY A 169 20.84 4.01 -12.75
CA GLY A 169 22.02 3.36 -12.22
C GLY A 169 23.07 3.12 -13.29
N ASP A 170 24.26 2.73 -12.84
CA ASP A 170 25.43 2.53 -13.69
C ASP A 170 25.63 1.08 -14.10
N GLN A 171 24.78 0.17 -13.63
CA GLN A 171 24.83 -1.24 -14.01
C GLN A 171 23.44 -1.84 -13.85
N LEU A 172 23.16 -2.87 -14.63
CA LEU A 172 21.87 -3.53 -14.55
C LEU A 172 21.86 -4.45 -13.33
N ASN A 173 21.47 -3.92 -12.18
CA ASN A 173 21.62 -4.63 -10.92
C ASN A 173 20.33 -4.69 -10.12
N HIS A 174 19.18 -4.83 -10.77
CA HIS A 174 17.96 -5.08 -10.00
C HIS A 174 16.87 -5.64 -10.89
N ALA A 175 16.20 -6.67 -10.40
CA ALA A 175 15.11 -7.34 -11.10
C ALA A 175 13.76 -6.81 -10.63
N VAL A 176 12.88 -6.55 -11.60
CA VAL A 176 11.53 -6.07 -11.36
C VAL A 176 10.58 -6.76 -12.33
N MET A 177 9.32 -6.34 -12.31
CA MET A 177 8.30 -6.86 -13.21
C MET A 177 7.65 -5.71 -13.95
N LEU A 178 7.55 -5.83 -15.27
CA LEU A 178 6.80 -4.87 -16.08
C LEU A 178 5.32 -5.22 -16.01
N VAL A 179 4.52 -4.31 -15.45
CA VAL A 179 3.12 -4.58 -15.18
C VAL A 179 2.17 -3.72 -16.01
N GLY A 180 2.67 -2.86 -16.87
CA GLY A 180 1.77 -2.15 -17.78
C GLY A 180 2.40 -0.94 -18.42
N PHE A 181 1.54 -0.19 -19.13
CA PHE A 181 1.91 1.04 -19.81
C PHE A 181 0.70 1.97 -19.82
N GLY A 182 0.96 3.24 -20.11
CA GLY A 182 -0.09 4.24 -20.07
C GLY A 182 0.32 5.54 -20.77
N MET A 183 -0.46 6.58 -20.51
CA MET A 183 -0.24 7.90 -21.10
C MET A 183 -0.81 8.97 -20.18
N LYS A 184 -0.19 10.16 -20.20
CA LYS A 184 -0.62 11.28 -19.37
C LYS A 184 -0.75 12.54 -20.21
N GLU A 185 -1.55 13.48 -19.72
CA GLU A 185 -1.86 14.73 -20.40
C GLU A 185 -1.39 15.89 -19.53
N ILE A 186 -0.20 16.42 -19.83
CA ILE A 186 0.37 17.58 -19.16
C ILE A 186 0.54 18.67 -20.21
N VAL A 187 0.94 19.87 -19.81
CA VAL A 187 1.08 20.99 -20.73
C VAL A 187 2.45 21.62 -20.61
N ASN A 188 2.88 22.23 -21.70
CA ASN A 188 4.14 22.97 -21.74
C ASN A 188 3.98 24.32 -21.04
N PRO A 189 4.99 24.76 -20.31
CA PRO A 189 4.90 26.07 -19.63
C PRO A 189 5.12 27.24 -20.58
N LEU A 190 5.15 26.97 -21.89
CA LEU A 190 5.25 28.04 -22.87
C LEU A 190 4.02 28.09 -23.77
N THR A 191 3.68 26.96 -24.41
CA THR A 191 2.60 26.92 -25.39
C THR A 191 1.55 25.87 -25.05
N LYS A 192 1.50 25.48 -23.78
CA LYS A 192 0.41 24.72 -23.18
C LYS A 192 -0.16 23.70 -24.15
N LYS A 193 0.71 22.86 -24.64
CA LYS A 193 0.39 21.75 -25.52
C LYS A 193 0.31 20.49 -24.65
N GLY A 194 -0.61 19.62 -24.98
CA GLY A 194 -0.81 18.46 -24.15
C GLY A 194 0.28 17.42 -24.28
N GLU A 195 1.45 17.71 -23.75
CA GLU A 195 2.59 16.81 -23.96
C GLU A 195 2.22 15.38 -23.64
N LYS A 196 2.28 14.52 -24.65
CA LYS A 196 1.93 13.10 -24.51
C LYS A 196 3.00 12.42 -23.70
N HIS A 197 2.76 12.26 -22.40
CA HIS A 197 3.79 11.67 -21.54
C HIS A 197 3.38 10.24 -21.19
N TYR A 198 3.62 9.36 -22.15
CA TYR A 198 3.50 7.92 -21.99
C TYR A 198 4.46 7.42 -20.92
N TYR A 199 4.24 6.18 -20.47
CA TYR A 199 5.13 5.60 -19.46
C TYR A 199 5.01 4.07 -19.45
N TYR A 200 5.91 3.46 -18.68
CA TYR A 200 5.85 2.06 -18.30
C TYR A 200 5.52 2.03 -16.82
N ILE A 201 4.44 1.34 -16.45
CA ILE A 201 4.21 1.08 -15.03
C ILE A 201 5.12 -0.08 -14.64
N ILE A 202 6.11 0.19 -13.79
CA ILE A 202 7.08 -0.81 -13.37
C ILE A 202 6.96 -0.98 -11.86
N LYS A 203 6.92 -2.24 -11.44
CA LYS A 203 6.88 -2.68 -10.07
C LYS A 203 8.27 -2.66 -9.47
N ASN A 204 8.34 -2.77 -8.14
CA ASN A 204 9.60 -2.93 -7.44
C ASN A 204 9.51 -4.16 -6.55
N SER A 205 10.54 -5.02 -6.62
CA SER A 205 10.60 -6.18 -5.74
C SER A 205 10.83 -5.79 -4.29
N TRP A 206 11.14 -4.51 -4.02
CA TRP A 206 11.29 -4.06 -2.64
C TRP A 206 9.99 -4.18 -1.86
N GLY A 207 8.86 -4.24 -2.56
CA GLY A 207 7.56 -4.38 -1.92
C GLY A 207 7.14 -3.21 -1.06
N GLN A 208 8.00 -2.19 -0.95
CA GLN A 208 7.71 -1.04 -0.12
C GLN A 208 6.48 -0.31 -0.66
N GLN A 209 5.93 0.58 0.17
CA GLN A 209 4.89 1.47 -0.32
C GLN A 209 5.58 2.62 -1.02
N TRP A 210 6.41 2.25 -1.99
CA TRP A 210 7.28 3.15 -2.74
C TRP A 210 6.43 3.87 -3.78
N GLY A 211 6.19 5.17 -3.58
CA GLY A 211 5.42 5.93 -4.54
C GLY A 211 4.03 5.39 -4.78
N GLU A 212 3.82 4.78 -5.94
CA GLU A 212 2.53 4.22 -6.31
C GLU A 212 2.38 2.78 -5.81
N ARG A 213 2.39 2.64 -4.48
CA ARG A 213 2.13 1.39 -3.76
C ARG A 213 3.32 0.44 -3.85
N GLY A 214 4.41 0.83 -4.50
CA GLY A 214 5.48 -0.08 -4.80
C GLY A 214 5.64 -0.27 -6.29
N PHE A 215 5.17 0.73 -7.06
CA PHE A 215 5.20 0.69 -8.54
C PHE A 215 5.60 2.07 -9.02
N ILE A 216 6.89 2.28 -9.27
CA ILE A 216 7.33 3.54 -9.86
C ILE A 216 7.27 3.41 -11.39
N ASN A 217 6.43 4.24 -12.02
CA ASN A 217 6.31 4.24 -13.46
C ASN A 217 7.37 5.14 -14.08
N ILE A 218 7.97 4.67 -15.19
CA ILE A 218 9.13 5.32 -15.78
C ILE A 218 8.83 5.71 -17.21
N GLU A 219 9.40 6.84 -17.63
CA GLU A 219 9.22 7.40 -18.97
C GLU A 219 9.66 6.43 -20.05
N THR A 220 8.71 6.07 -20.92
CA THR A 220 8.95 5.24 -22.10
C THR A 220 8.10 5.78 -23.23
N ASP A 221 7.91 5.00 -24.30
CA ASP A 221 7.30 5.55 -25.50
C ASP A 221 6.17 4.64 -25.99
N GLU A 222 5.61 5.05 -27.13
CA GLU A 222 4.54 4.32 -27.79
C GLU A 222 5.03 2.99 -28.37
N SER A 223 6.34 2.87 -28.63
CA SER A 223 6.90 1.67 -29.23
C SER A 223 7.62 0.78 -28.20
N GLY A 224 8.61 1.31 -27.48
CA GLY A 224 9.25 0.51 -26.45
C GLY A 224 10.72 0.13 -26.53
N LEU A 225 11.57 1.00 -27.09
CA LEU A 225 13.02 0.80 -26.98
C LEU A 225 13.79 1.99 -26.41
N MET A 226 13.17 3.16 -26.27
CA MET A 226 13.80 4.27 -25.57
C MET A 226 14.04 3.97 -24.10
N ARG A 227 13.60 2.80 -23.64
CA ARG A 227 13.50 2.49 -22.22
C ARG A 227 14.75 2.91 -21.46
N LYS A 228 14.58 3.83 -20.53
CA LYS A 228 15.70 4.28 -19.73
C LYS A 228 15.95 3.31 -18.59
N CYS A 229 17.09 3.48 -17.92
CA CYS A 229 17.48 2.63 -16.82
C CYS A 229 17.42 1.15 -17.20
N GLY A 230 17.67 0.85 -18.48
CA GLY A 230 17.64 -0.52 -18.97
C GLY A 230 16.33 -1.25 -18.73
N LEU A 231 15.21 -0.59 -19.04
CA LEU A 231 13.88 -1.12 -18.74
C LEU A 231 13.55 -2.26 -19.69
N GLY A 232 13.92 -3.47 -19.28
CA GLY A 232 13.89 -4.59 -20.19
C GLY A 232 15.17 -5.40 -20.11
N THR A 233 15.95 -5.40 -21.20
CA THR A 233 17.24 -6.08 -21.24
C THR A 233 17.10 -7.57 -20.96
N ASP A 234 17.16 -7.99 -19.70
CA ASP A 234 16.95 -9.39 -19.34
C ASP A 234 15.49 -9.58 -18.95
N ALA A 235 14.64 -9.76 -19.96
CA ALA A 235 13.20 -9.85 -19.79
C ALA A 235 12.74 -11.29 -19.96
N PHE A 236 12.14 -11.84 -18.90
CA PHE A 236 11.75 -13.25 -18.87
C PHE A 236 10.32 -13.40 -18.38
N ILE A 237 9.61 -14.38 -18.93
CA ILE A 237 8.23 -14.65 -18.57
C ILE A 237 8.02 -16.16 -18.50
N PRO A 238 7.41 -16.68 -17.44
CA PRO A 238 7.11 -18.11 -17.37
C PRO A 238 5.74 -18.43 -17.98
N LEU A 239 5.54 -19.71 -18.27
CA LEU A 239 4.27 -20.19 -18.80
C LEU A 239 3.92 -21.49 -18.12
N ILE A 240 2.78 -21.51 -17.43
CA ILE A 240 2.22 -22.74 -16.90
C ILE A 240 1.56 -23.58 -17.98
N GLU A 241 1.20 -22.97 -19.10
CA GLU A 241 0.62 -23.69 -20.22
C GLU A 241 1.66 -23.82 -21.34
N MET B 1 26.66 -7.74 -13.46
CA MET B 1 25.70 -7.98 -14.54
C MET B 1 24.57 -8.91 -14.12
N ILE B 2 24.52 -9.24 -12.82
CA ILE B 2 23.47 -10.13 -12.33
C ILE B 2 22.54 -9.33 -11.44
N PRO B 3 21.25 -9.69 -11.40
CA PRO B 3 20.26 -8.87 -10.67
C PRO B 3 20.54 -8.83 -9.17
N GLY B 4 20.68 -7.60 -8.66
CA GLY B 4 20.69 -7.30 -7.24
C GLY B 4 21.56 -8.20 -6.39
N GLY B 5 22.87 -8.17 -6.63
CA GLY B 5 23.76 -9.04 -5.90
C GLY B 5 25.22 -8.70 -6.05
N LEU B 6 26.07 -9.74 -6.06
CA LEU B 6 27.51 -9.59 -6.08
C LEU B 6 27.98 -8.61 -7.14
N SER B 7 28.65 -7.57 -6.67
CA SER B 7 29.22 -6.49 -7.47
C SER B 7 30.66 -6.86 -7.83
N GLU B 8 31.46 -5.85 -8.17
CA GLU B 8 32.87 -6.05 -8.45
C GLU B 8 33.70 -5.28 -7.45
N ALA B 9 34.98 -5.67 -7.36
CA ALA B 9 35.92 -4.99 -6.46
C ALA B 9 35.89 -3.49 -6.69
N LYS B 10 35.41 -2.74 -5.70
CA LYS B 10 35.38 -1.30 -5.90
C LYS B 10 36.57 -0.66 -5.18
N PRO B 11 37.26 0.29 -5.82
CA PRO B 11 38.51 0.78 -5.22
C PRO B 11 38.34 1.51 -3.89
N ALA B 12 37.72 2.68 -3.91
CA ALA B 12 37.71 3.59 -2.79
C ALA B 12 36.87 4.83 -3.11
N THR B 13 36.71 5.69 -2.12
CA THR B 13 35.80 6.83 -2.24
C THR B 13 36.57 8.15 -2.22
N PRO B 14 35.90 9.29 -2.43
CA PRO B 14 36.56 10.58 -2.19
C PRO B 14 36.73 10.85 -0.71
N GLU B 15 37.03 12.11 -0.40
CA GLU B 15 37.19 12.55 0.98
C GLU B 15 35.94 12.37 1.83
N ILE B 16 34.76 12.20 1.22
CA ILE B 16 33.51 12.11 1.98
C ILE B 16 32.66 10.96 1.45
N GLN B 17 32.19 10.12 2.38
CA GLN B 17 31.41 8.91 2.17
C GLN B 17 31.59 8.08 3.43
N GLU B 18 31.43 8.72 4.60
CA GLU B 18 31.97 8.18 5.83
C GLU B 18 31.07 7.10 6.44
N ILE B 19 30.71 6.10 5.64
CA ILE B 19 30.16 4.87 6.20
C ILE B 19 31.30 4.03 6.74
N VAL B 20 32.51 4.24 6.21
CA VAL B 20 33.69 3.50 6.66
C VAL B 20 33.80 3.55 8.18
N ASP B 21 33.85 4.76 8.75
CA ASP B 21 33.99 4.92 10.19
C ASP B 21 32.68 5.30 10.90
N LYS B 22 31.67 4.44 10.85
CA LYS B 22 30.57 4.51 11.79
C LYS B 22 30.61 3.32 12.75
N VAL B 23 31.78 2.67 12.85
CA VAL B 23 31.93 1.46 13.64
C VAL B 23 31.91 1.76 15.13
N LYS B 24 32.26 2.99 15.53
CA LYS B 24 32.52 3.31 16.94
C LYS B 24 31.33 2.98 17.85
N PRO B 25 30.09 3.38 17.52
CA PRO B 25 28.96 2.97 18.34
C PRO B 25 28.29 1.65 17.96
N GLN B 26 28.69 1.00 16.86
CA GLN B 26 27.98 -0.19 16.43
C GLN B 26 28.76 -1.49 16.61
N LEU B 27 30.06 -1.43 16.88
CA LEU B 27 30.75 -2.65 17.31
C LEU B 27 30.45 -3.01 18.75
N GLU B 28 29.94 -2.04 19.52
CA GLU B 28 29.70 -2.18 20.96
C GLU B 28 28.94 -3.45 21.32
N GLU B 29 28.13 -3.98 20.40
CA GLU B 29 27.28 -5.11 20.71
C GLU B 29 28.09 -6.37 20.97
N LYS B 30 28.89 -6.79 19.98
CA LYS B 30 29.72 -7.99 20.12
C LYS B 30 31.17 -7.81 19.70
N THR B 31 31.49 -6.89 18.78
CA THR B 31 32.87 -6.67 18.38
C THR B 31 33.51 -5.53 19.14
N ASN B 32 33.06 -5.28 20.37
CA ASN B 32 33.53 -4.15 21.13
C ASN B 32 34.93 -4.41 21.67
N GLU B 33 35.77 -3.40 21.56
CA GLU B 33 37.15 -3.43 22.04
C GLU B 33 37.60 -2.00 22.22
N THR B 34 38.90 -1.78 22.33
CA THR B 34 39.44 -0.48 22.03
C THR B 34 39.47 -0.21 20.53
N TYR B 35 38.90 -1.11 19.72
CA TYR B 35 38.86 -0.96 18.27
C TYR B 35 37.84 0.12 17.89
N GLY B 36 38.28 1.36 17.79
CA GLY B 36 37.40 2.46 17.42
C GLY B 36 37.84 3.07 16.10
N LYS B 37 36.85 3.44 15.28
CA LYS B 37 37.09 3.94 13.93
C LYS B 37 38.04 3.00 13.17
N LEU B 38 37.59 1.76 13.00
CA LEU B 38 38.42 0.74 12.40
C LEU B 38 38.84 1.15 10.98
N GLU B 39 40.02 0.71 10.60
CA GLU B 39 40.69 1.17 9.38
C GLU B 39 40.19 0.34 8.21
N ALA B 40 39.29 0.91 7.42
CA ALA B 40 38.78 0.27 6.22
C ALA B 40 39.70 0.56 5.04
N VAL B 41 39.74 -0.36 4.08
CA VAL B 41 40.63 -0.16 2.95
C VAL B 41 39.90 -0.17 1.60
N GLN B 42 39.29 -1.30 1.22
CA GLN B 42 38.60 -1.40 -0.05
C GLN B 42 37.09 -1.57 0.18
N TYR B 43 36.31 -1.22 -0.83
CA TYR B 43 34.85 -1.15 -0.68
C TYR B 43 34.14 -1.87 -1.82
N LYS B 44 32.83 -1.99 -1.65
CA LYS B 44 31.94 -2.75 -2.51
C LYS B 44 30.51 -2.40 -2.12
N THR B 45 29.55 -2.82 -2.95
CA THR B 45 28.15 -2.50 -2.69
C THR B 45 27.22 -3.57 -3.24
N GLN B 46 25.97 -3.53 -2.78
CA GLN B 46 24.95 -4.53 -3.07
C GLN B 46 23.58 -3.87 -2.93
N VAL B 47 22.55 -4.50 -3.52
CA VAL B 47 21.21 -3.91 -3.53
C VAL B 47 20.17 -4.99 -3.27
N VAL B 48 19.25 -4.70 -2.34
CA VAL B 48 18.12 -5.61 -2.08
C VAL B 48 16.76 -4.92 -2.15
N ALA B 49 16.50 -4.11 -1.12
CA ALA B 49 15.31 -3.28 -0.94
C ALA B 49 15.76 -1.95 -0.38
N GLY B 50 16.94 -1.53 -0.81
CA GLY B 50 17.65 -0.39 -0.26
C GLY B 50 19.13 -0.55 -0.58
N THR B 51 19.94 0.25 0.10
CA THR B 51 21.38 0.23 -0.09
C THR B 51 22.04 -0.79 0.83
N ASN B 52 23.00 -1.57 0.30
CA ASN B 52 23.70 -2.61 1.09
C ASN B 52 25.20 -2.52 0.81
N TYR B 53 25.90 -1.72 1.61
CA TYR B 53 27.31 -1.45 1.37
C TYR B 53 28.20 -2.58 1.89
N TYR B 54 29.50 -2.45 1.63
CA TYR B 54 30.50 -3.41 2.08
C TYR B 54 31.81 -2.67 2.33
N ILE B 55 32.50 -3.04 3.41
CA ILE B 55 33.76 -2.40 3.79
C ILE B 55 34.74 -3.46 4.30
N LYS B 56 35.98 -3.41 3.81
CA LYS B 56 37.05 -4.27 4.27
C LYS B 56 37.89 -3.49 5.27
N VAL B 57 37.96 -3.97 6.51
CA VAL B 57 38.55 -3.21 7.61
C VAL B 57 39.80 -3.92 8.12
N ARG B 58 40.55 -3.23 8.98
CA ARG B 58 41.63 -3.79 9.77
C ARG B 58 41.29 -3.60 11.24
N ALA B 59 41.67 -4.57 12.08
CA ALA B 59 41.24 -4.53 13.47
C ALA B 59 42.14 -5.43 14.31
N GLY B 60 42.77 -4.87 15.34
CA GLY B 60 43.45 -5.65 16.35
C GLY B 60 44.95 -5.72 16.17
N ASP B 61 45.41 -6.84 15.63
CA ASP B 61 46.83 -7.05 15.38
C ASP B 61 47.23 -6.55 14.00
N ASN B 62 46.54 -5.49 13.56
CA ASN B 62 46.45 -5.09 12.16
C ASN B 62 45.90 -6.23 11.31
N LYS B 63 45.03 -7.03 11.93
CA LYS B 63 44.35 -8.14 11.29
C LYS B 63 43.11 -7.61 10.59
N TYR B 64 42.99 -7.89 9.31
CA TYR B 64 41.95 -7.33 8.48
C TYR B 64 40.64 -8.10 8.68
N MET B 65 39.58 -7.62 8.03
CA MET B 65 38.25 -8.20 8.19
C MET B 65 37.35 -7.66 7.08
N HIS B 66 36.11 -8.14 7.07
CA HIS B 66 35.07 -7.66 6.17
C HIS B 66 33.85 -7.26 7.00
N LEU B 67 33.04 -6.37 6.44
CA LEU B 67 31.91 -5.80 7.17
C LEU B 67 30.68 -5.73 6.28
N LYS B 68 29.61 -6.40 6.69
CA LYS B 68 28.30 -6.29 6.04
C LYS B 68 27.52 -5.10 6.58
N VAL B 69 28.13 -3.92 6.58
CA VAL B 69 27.45 -2.72 7.02
C VAL B 69 26.43 -2.35 5.93
N PHE B 70 25.15 -2.58 6.21
CA PHE B 70 24.08 -2.40 5.24
C PHE B 70 23.28 -1.15 5.60
N LYS B 71 23.08 -0.28 4.62
CA LYS B 71 22.25 0.92 4.75
C LYS B 71 20.81 0.55 4.38
N SER B 72 19.93 1.55 4.24
CA SER B 72 18.56 1.30 3.79
C SER B 72 17.78 2.57 3.42
N LEU B 73 16.45 2.39 3.34
CA LEU B 73 15.47 3.36 2.88
C LEU B 73 15.32 4.53 3.85
N PRO B 74 14.74 5.67 3.39
CA PRO B 74 14.61 6.85 4.26
C PRO B 74 13.28 6.99 4.99
N GLY B 75 12.85 6.00 5.76
CA GLY B 75 11.65 6.18 6.56
C GLY B 75 11.81 7.35 7.51
N GLN B 76 12.89 7.32 8.29
CA GLN B 76 13.37 8.48 9.02
C GLN B 76 14.40 9.21 8.16
N ASN B 77 15.48 8.52 7.79
CA ASN B 77 16.45 8.97 6.79
C ASN B 77 17.62 8.01 6.69
N GLU B 78 18.64 8.20 7.53
CA GLU B 78 19.90 7.49 7.42
C GLU B 78 20.03 6.46 8.53
N ASP B 79 20.46 5.26 8.17
CA ASP B 79 20.59 4.18 9.13
C ASP B 79 21.47 3.08 8.51
N LEU B 80 22.32 2.48 9.34
CA LEU B 80 23.24 1.44 8.89
C LEU B 80 23.80 0.74 10.12
N VAL B 81 23.84 -0.59 10.05
CA VAL B 81 24.46 -1.41 11.09
C VAL B 81 25.12 -2.60 10.42
N LEU B 82 26.20 -3.07 11.04
CA LEU B 82 26.88 -4.28 10.58
C LEU B 82 25.96 -5.47 10.78
N THR B 83 25.36 -5.94 9.69
CA THR B 83 24.51 -7.13 9.73
C THR B 83 25.32 -8.42 9.70
N GLY B 84 26.64 -8.30 9.91
CA GLY B 84 27.47 -9.45 10.13
C GLY B 84 28.92 -9.07 10.30
N TYR B 85 29.59 -9.63 11.30
CA TYR B 85 31.00 -9.36 11.53
C TYR B 85 31.82 -10.65 11.47
N GLN B 86 33.05 -10.52 11.00
CA GLN B 86 33.97 -11.64 10.82
C GLN B 86 35.38 -11.08 10.88
N VAL B 87 36.14 -11.42 11.92
CA VAL B 87 37.40 -10.75 12.21
C VAL B 87 38.61 -11.65 11.99
N ASP B 88 38.40 -12.83 11.39
CA ASP B 88 39.49 -13.73 11.02
C ASP B 88 39.86 -13.59 9.54
N LYS B 89 40.24 -12.37 9.12
CA LYS B 89 40.49 -12.16 7.70
C LYS B 89 41.77 -11.38 7.49
N ASN B 90 42.12 -11.20 6.21
CA ASN B 90 43.29 -10.44 5.82
C ASN B 90 42.91 -9.55 4.65
N LYS B 91 43.89 -8.78 4.16
CA LYS B 91 43.66 -7.93 3.00
C LYS B 91 43.28 -8.77 1.79
N ASP B 92 43.94 -9.93 1.64
CA ASP B 92 43.61 -10.86 0.57
C ASP B 92 42.19 -11.40 0.68
N ASP B 93 41.60 -11.40 1.88
CA ASP B 93 40.26 -11.92 2.08
C ASP B 93 39.16 -10.94 1.72
N GLU B 94 39.52 -9.70 1.34
CA GLU B 94 38.64 -8.67 0.80
C GLU B 94 37.19 -8.76 1.24
N LEU B 95 36.28 -8.79 0.26
CA LEU B 95 34.84 -8.67 0.51
C LEU B 95 34.07 -9.69 -0.33
N THR B 96 34.42 -10.98 -0.20
CA THR B 96 33.79 -12.04 -0.97
C THR B 96 32.27 -11.92 -1.01
N GLY B 97 31.61 -12.03 0.14
CA GLY B 97 30.19 -11.75 0.19
C GLY B 97 29.45 -12.73 1.09
N PHE B 98 28.12 -12.72 0.94
CA PHE B 98 27.18 -13.55 1.69
C PHE B 98 27.14 -13.26 3.19
N GLN C 1 -42.55 28.77 -0.63
CA GLN C 1 -42.30 29.55 -1.82
C GLN C 1 -41.59 30.86 -1.48
N MET C 2 -41.19 31.04 -0.22
CA MET C 2 -40.42 32.21 0.17
C MET C 2 -39.56 31.84 1.37
N ASN C 3 -38.24 31.94 1.22
CA ASN C 3 -37.29 31.62 2.29
C ASN C 3 -36.24 32.74 2.33
N TYR C 4 -36.49 33.73 3.19
CA TYR C 4 -35.54 34.80 3.51
C TYR C 4 -35.34 35.78 2.37
N GLU C 5 -34.57 36.83 2.64
CA GLU C 5 -34.50 38.01 1.78
C GLU C 5 -35.90 38.57 1.54
N GLU C 6 -36.57 38.87 2.66
CA GLU C 6 -37.88 39.49 2.71
C GLU C 6 -37.77 40.97 3.10
N VAL C 7 -36.70 41.62 2.65
CA VAL C 7 -36.40 43.00 3.03
C VAL C 7 -37.50 43.91 2.55
N ILE C 8 -37.92 44.81 3.43
CA ILE C 8 -39.07 45.67 3.22
C ILE C 8 -38.64 47.15 3.15
N LYS C 9 -37.35 47.38 3.01
CA LYS C 9 -36.75 48.70 3.01
C LYS C 9 -35.40 48.70 2.30
N LYS C 10 -34.57 49.71 2.58
CA LYS C 10 -33.35 49.94 1.83
C LYS C 10 -32.17 49.18 2.43
N TYR C 11 -32.23 47.84 2.42
CA TYR C 11 -31.08 47.03 2.83
C TYR C 11 -30.64 46.11 1.70
N LYS C 12 -29.38 46.25 1.32
CA LYS C 12 -28.78 45.37 0.32
C LYS C 12 -28.73 43.95 0.87
N GLY C 13 -29.23 42.99 0.10
CA GLY C 13 -29.28 41.64 0.59
C GLY C 13 -28.05 40.84 0.20
N ASN C 14 -27.09 40.76 1.11
CA ASN C 14 -25.94 39.89 0.90
C ASN C 14 -26.32 38.45 1.16
N GLU C 15 -25.63 37.54 0.49
CA GLU C 15 -26.10 36.16 0.36
C GLU C 15 -26.35 35.47 1.69
N ASN C 16 -25.62 35.86 2.74
CA ASN C 16 -25.79 35.20 4.02
C ASN C 16 -27.19 35.43 4.57
N PHE C 17 -27.91 34.33 4.78
CA PHE C 17 -29.30 34.37 5.18
C PHE C 17 -29.57 33.61 6.47
N ASP C 18 -28.58 32.89 7.00
CA ASP C 18 -28.78 32.04 8.18
C ASP C 18 -27.53 32.09 9.05
N HIS C 19 -27.68 32.67 10.24
CA HIS C 19 -26.67 32.68 11.29
C HIS C 19 -27.04 31.72 12.41
N ALA C 20 -27.55 30.54 11.98
CA ALA C 20 -28.23 29.50 12.77
C ALA C 20 -27.95 28.13 12.14
N ALA C 21 -28.78 27.11 12.39
CA ALA C 21 -28.55 25.77 11.88
C ALA C 21 -29.78 25.22 11.13
N TYR C 22 -29.54 24.20 10.30
CA TYR C 22 -30.61 23.55 9.51
C TYR C 22 -30.72 22.02 9.54
N ASP C 23 -29.60 21.31 9.35
CA ASP C 23 -29.50 19.86 9.11
C ASP C 23 -29.68 19.55 7.62
N TRP C 24 -28.82 18.69 7.06
CA TRP C 24 -28.76 18.47 5.62
C TRP C 24 -29.02 17.03 5.20
N ARG C 25 -30.07 16.43 5.77
CA ARG C 25 -30.66 15.22 5.24
C ARG C 25 -32.16 15.35 5.04
N LEU C 26 -32.81 16.31 5.70
CA LEU C 26 -34.21 16.63 5.48
C LEU C 26 -34.40 17.90 4.66
N HIS C 27 -33.31 18.54 4.18
CA HIS C 27 -33.40 19.67 3.27
C HIS C 27 -32.52 19.46 2.03
N SER C 28 -32.09 18.23 1.75
CA SER C 28 -31.12 17.99 0.69
C SER C 28 -31.06 16.51 0.31
N GLY C 29 -30.08 15.80 0.86
CA GLY C 29 -29.90 14.39 0.59
C GLY C 29 -28.85 13.75 1.45
N VAL C 30 -29.05 12.48 1.78
CA VAL C 30 -28.13 11.73 2.63
C VAL C 30 -28.08 10.29 2.12
N THR C 31 -27.03 9.59 2.54
CA THR C 31 -26.70 8.28 2.01
C THR C 31 -26.72 7.21 3.11
N PRO C 32 -26.89 5.94 2.73
CA PRO C 32 -26.87 4.87 3.73
C PRO C 32 -25.52 4.72 4.42
N VAL C 33 -25.55 4.14 5.61
CA VAL C 33 -24.35 3.84 6.37
C VAL C 33 -23.90 2.42 6.08
N LYS C 34 -22.60 2.20 6.15
CA LYS C 34 -21.98 0.92 5.87
C LYS C 34 -20.98 0.58 6.97
N ASP C 35 -20.50 -0.66 6.93
CA ASP C 35 -19.62 -1.21 7.95
C ASP C 35 -18.31 -1.65 7.31
N GLN C 36 -17.19 -1.19 7.87
CA GLN C 36 -15.88 -1.48 7.32
C GLN C 36 -15.28 -2.79 7.81
N LYS C 37 -15.87 -3.42 8.83
CA LYS C 37 -15.53 -4.79 9.24
C LYS C 37 -14.04 -4.84 9.61
N ASN C 38 -13.33 -5.89 9.21
CA ASN C 38 -11.97 -6.16 9.67
C ASN C 38 -10.96 -5.37 8.84
N CYS C 39 -11.43 -4.26 8.28
CA CYS C 39 -10.66 -3.41 7.38
C CYS C 39 -10.75 -1.97 7.87
N GLY C 40 -9.66 -1.23 7.69
CA GLY C 40 -9.55 0.12 8.22
C GLY C 40 -9.67 1.23 7.19
N SER C 41 -10.31 0.93 6.06
CA SER C 41 -10.59 1.95 5.06
C SER C 41 -11.63 2.92 5.61
N CYS C 42 -11.24 4.18 5.76
CA CYS C 42 -12.15 5.26 6.16
C CYS C 42 -12.25 6.34 5.11
N TRP C 43 -11.11 6.76 4.56
CA TRP C 43 -11.06 7.75 3.49
C TRP C 43 -11.95 7.34 2.33
N ALA C 44 -11.89 6.08 1.93
CA ALA C 44 -12.70 5.58 0.83
C ALA C 44 -14.16 5.88 1.11
N PHE C 45 -14.69 5.36 2.21
CA PHE C 45 -16.09 5.59 2.58
C PHE C 45 -16.51 7.05 2.49
N SER C 46 -15.81 7.94 3.19
CA SER C 46 -16.04 9.37 3.11
C SER C 46 -16.09 9.86 1.67
N SER C 47 -15.00 9.65 0.91
CA SER C 47 -14.88 10.20 -0.43
C SER C 47 -15.99 9.69 -1.35
N ILE C 48 -16.15 8.37 -1.43
CA ILE C 48 -17.11 7.84 -2.40
C ILE C 48 -18.54 8.05 -1.91
N GLY C 49 -18.77 8.06 -0.61
CA GLY C 49 -20.09 8.43 -0.11
C GLY C 49 -20.45 9.84 -0.50
N SER C 50 -19.45 10.72 -0.57
CA SER C 50 -19.70 12.13 -0.87
C SER C 50 -20.01 12.36 -2.35
N VAL C 51 -19.41 11.58 -3.25
CA VAL C 51 -19.82 11.66 -4.65
C VAL C 51 -21.22 11.11 -4.82
N GLU C 52 -21.56 10.06 -4.06
CA GLU C 52 -22.96 9.64 -3.96
C GLU C 52 -23.83 10.83 -3.53
N SER C 53 -23.40 11.55 -2.51
CA SER C 53 -24.17 12.69 -2.02
C SER C 53 -24.34 13.74 -3.12
N GLN C 54 -23.25 14.06 -3.82
CA GLN C 54 -23.32 14.99 -4.95
C GLN C 54 -24.47 14.65 -5.89
N TYR C 55 -24.45 13.45 -6.45
CA TYR C 55 -25.48 12.98 -7.37
C TYR C 55 -26.90 13.16 -6.85
N ALA C 56 -27.20 12.57 -5.69
CA ALA C 56 -28.50 12.79 -5.06
C ALA C 56 -28.72 14.26 -4.77
N ILE C 57 -27.84 14.87 -3.95
CA ILE C 57 -28.12 16.20 -3.45
C ILE C 57 -28.28 17.17 -4.62
N ARG C 58 -27.53 16.95 -5.72
CA ARG C 58 -27.39 17.92 -6.81
C ARG C 58 -28.18 17.55 -8.06
N LYS C 59 -28.03 16.32 -8.56
CA LYS C 59 -28.65 15.91 -9.80
C LYS C 59 -30.03 15.30 -9.59
N ASN C 60 -30.42 15.07 -8.35
CA ASN C 60 -31.63 14.33 -7.96
C ASN C 60 -31.55 12.88 -8.41
N LYS C 61 -30.37 12.44 -8.82
CA LYS C 61 -30.12 11.09 -9.31
C LYS C 61 -29.34 10.35 -8.22
N LEU C 62 -30.09 9.80 -7.25
CA LEU C 62 -29.47 9.09 -6.13
C LEU C 62 -28.61 7.94 -6.61
N ILE C 63 -27.33 7.99 -6.27
CA ILE C 63 -26.40 6.92 -6.59
C ILE C 63 -25.73 6.46 -5.30
N THR C 64 -25.47 5.17 -5.22
CA THR C 64 -24.69 4.57 -4.14
C THR C 64 -23.44 3.97 -4.76
N LEU C 65 -22.31 4.60 -4.50
CA LEU C 65 -21.04 4.22 -5.10
C LEU C 65 -20.28 3.29 -4.18
N SER C 66 -19.26 2.66 -4.76
CA SER C 66 -18.50 1.61 -4.09
C SER C 66 -17.22 2.18 -3.48
N GLU C 67 -16.88 1.65 -2.31
CA GLU C 67 -15.71 2.04 -1.56
C GLU C 67 -14.64 0.97 -1.50
N GLN C 68 -15.04 -0.30 -1.52
CA GLN C 68 -14.09 -1.38 -1.70
C GLN C 68 -13.43 -1.31 -3.07
N GLU C 69 -14.19 -0.82 -4.07
CA GLU C 69 -13.67 -0.68 -5.43
C GLU C 69 -12.37 0.12 -5.43
N LEU C 70 -12.41 1.36 -4.92
CA LEU C 70 -11.23 2.21 -4.91
C LEU C 70 -10.12 1.62 -4.04
N VAL C 71 -10.47 1.14 -2.85
CA VAL C 71 -9.52 0.52 -1.93
C VAL C 71 -8.71 -0.54 -2.66
N ASP C 72 -9.37 -1.30 -3.51
CA ASP C 72 -8.78 -2.47 -4.14
C ASP C 72 -8.29 -2.22 -5.56
N CYS C 73 -8.46 -1.03 -6.12
CA CYS C 73 -7.75 -0.76 -7.36
C CYS C 73 -7.11 0.61 -7.46
N SER C 74 -7.36 1.54 -6.53
CA SER C 74 -6.49 2.70 -6.43
C SER C 74 -5.11 2.19 -6.03
N PHE C 75 -4.22 2.03 -7.01
CA PHE C 75 -2.83 1.67 -6.75
C PHE C 75 -2.02 2.87 -6.31
N LYS C 76 -2.69 3.93 -5.85
CA LYS C 76 -2.06 5.14 -5.36
C LYS C 76 -2.37 5.37 -3.88
N ASN C 77 -2.88 4.36 -3.20
CA ASN C 77 -3.05 4.36 -1.76
C ASN C 77 -2.59 3.00 -1.25
N TYR C 78 -2.73 2.78 0.05
CA TYR C 78 -2.18 1.60 0.70
C TYR C 78 -3.23 0.53 1.00
N GLY C 79 -4.48 0.75 0.60
CA GLY C 79 -5.53 -0.25 0.77
C GLY C 79 -6.39 -0.02 1.99
N CYS C 80 -6.84 -1.10 2.63
CA CYS C 80 -7.48 -0.97 3.93
C CYS C 80 -6.50 -0.60 5.02
N ASN C 81 -5.19 -0.67 4.72
CA ASN C 81 -4.16 -0.29 5.67
C ASN C 81 -3.82 1.19 5.60
N GLY C 82 -4.62 1.99 4.93
CA GLY C 82 -4.40 3.42 4.93
C GLY C 82 -4.81 4.05 3.62
N GLY C 83 -4.90 5.37 3.64
CA GLY C 83 -5.24 6.16 2.48
C GLY C 83 -5.49 7.58 2.89
N LEU C 84 -5.65 8.44 1.90
CA LEU C 84 -5.91 9.86 2.12
C LEU C 84 -7.23 10.25 1.47
N ILE C 85 -7.64 11.49 1.71
CA ILE C 85 -8.85 12.06 1.13
C ILE C 85 -8.50 13.00 -0.01
N ASN C 86 -7.54 13.90 0.21
CA ASN C 86 -7.05 14.75 -0.86
C ASN C 86 -6.49 13.89 -2.00
N ASN C 87 -5.84 12.78 -1.66
CA ASN C 87 -5.27 11.85 -2.63
C ASN C 87 -6.20 10.65 -2.86
N ALA C 88 -7.52 10.87 -2.80
CA ALA C 88 -8.51 9.81 -3.03
C ALA C 88 -9.37 10.06 -4.26
N PHE C 89 -9.82 11.30 -4.47
CA PHE C 89 -10.57 11.59 -5.70
C PHE C 89 -9.65 11.62 -6.92
N GLU C 90 -8.35 11.81 -6.70
CA GLU C 90 -7.39 11.87 -7.79
C GLU C 90 -7.16 10.51 -8.43
N ASP C 91 -7.65 9.43 -7.82
CA ASP C 91 -7.75 8.12 -8.43
C ASP C 91 -9.15 7.84 -8.94
N MET C 92 -10.14 8.63 -8.51
CA MET C 92 -11.51 8.58 -8.99
C MET C 92 -11.66 9.36 -10.29
N ILE C 93 -10.96 10.48 -10.41
CA ILE C 93 -10.90 11.20 -11.67
C ILE C 93 -10.32 10.30 -12.76
N GLU C 94 -9.29 9.53 -12.41
CA GLU C 94 -8.60 8.69 -13.38
C GLU C 94 -9.44 7.48 -13.78
N LEU C 95 -9.75 6.63 -12.81
CA LEU C 95 -10.38 5.33 -13.04
C LEU C 95 -11.55 5.40 -14.00
N GLY C 96 -12.29 6.52 -13.97
CA GLY C 96 -13.43 6.70 -14.83
C GLY C 96 -14.69 6.29 -14.12
N GLY C 97 -14.76 6.62 -12.85
CA GLY C 97 -15.86 6.19 -12.03
C GLY C 97 -15.49 5.02 -11.15
N ILE C 98 -16.15 4.95 -9.99
CA ILE C 98 -15.89 3.88 -9.04
C ILE C 98 -17.00 2.85 -9.14
N CYS C 99 -17.65 2.79 -10.30
CA CYS C 99 -18.69 1.81 -10.62
C CYS C 99 -19.89 2.07 -9.69
N THR C 100 -20.51 1.04 -9.13
CA THR C 100 -21.70 1.21 -8.31
C THR C 100 -21.66 0.26 -7.12
N ASP C 101 -22.38 0.65 -6.06
CA ASP C 101 -22.43 -0.18 -4.88
C ASP C 101 -23.23 -1.46 -5.14
N ASP C 102 -24.38 -1.36 -5.81
CA ASP C 102 -25.04 -2.57 -6.29
C ASP C 102 -24.43 -3.05 -7.60
N ASP C 103 -23.10 -2.95 -7.73
CA ASP C 103 -22.35 -3.65 -8.75
C ASP C 103 -21.10 -4.30 -8.16
N TYR C 104 -20.45 -3.59 -7.24
CA TYR C 104 -19.17 -4.03 -6.67
C TYR C 104 -19.32 -4.14 -5.17
N PRO C 105 -19.51 -5.33 -4.63
CA PRO C 105 -19.75 -5.45 -3.20
C PRO C 105 -18.47 -5.29 -2.37
N TYR C 106 -18.65 -4.95 -1.09
CA TYR C 106 -17.55 -4.69 -0.17
C TYR C 106 -17.17 -5.99 0.54
N VAL C 107 -15.90 -6.40 0.38
CA VAL C 107 -15.42 -7.68 0.91
C VAL C 107 -14.21 -7.49 1.82
N SER C 108 -13.78 -6.25 2.04
CA SER C 108 -12.56 -5.95 2.80
C SER C 108 -11.33 -6.40 2.02
N ASP C 109 -10.15 -5.97 2.45
CA ASP C 109 -8.94 -6.18 1.69
C ASP C 109 -8.40 -7.60 1.85
N ALA C 110 -9.31 -8.57 1.66
CA ALA C 110 -9.22 -10.02 1.56
C ALA C 110 -8.94 -10.27 0.07
N PRO C 111 -8.92 -11.53 -0.47
CA PRO C 111 -8.64 -11.62 -1.91
C PRO C 111 -9.73 -10.88 -2.69
N ASN C 112 -9.46 -9.64 -3.09
CA ASN C 112 -10.34 -8.99 -4.04
C ASN C 112 -9.64 -8.28 -5.20
N LEU C 113 -9.09 -7.09 -4.92
CA LEU C 113 -8.35 -6.24 -5.86
C LEU C 113 -9.25 -5.70 -6.98
N CYS C 114 -8.72 -5.68 -8.20
CA CYS C 114 -9.27 -5.04 -9.40
C CYS C 114 -10.13 -5.98 -10.25
N ASN C 115 -10.14 -5.74 -11.57
CA ASN C 115 -11.00 -6.35 -12.59
C ASN C 115 -12.42 -5.81 -12.65
N ILE C 116 -12.55 -4.58 -13.18
CA ILE C 116 -13.82 -3.90 -13.37
C ILE C 116 -14.10 -3.62 -14.86
N ASP C 117 -13.66 -4.51 -15.76
CA ASP C 117 -13.89 -4.31 -17.19
C ASP C 117 -14.90 -5.28 -17.80
N ARG C 118 -15.52 -6.14 -17.00
CA ARG C 118 -16.70 -6.87 -17.44
C ARG C 118 -17.99 -6.24 -16.91
N CYS C 119 -17.92 -4.98 -16.52
CA CYS C 119 -19.08 -4.13 -16.33
C CYS C 119 -19.16 -3.18 -17.51
N THR C 120 -20.34 -2.64 -17.75
CA THR C 120 -20.59 -1.88 -18.97
C THR C 120 -20.81 -0.38 -18.73
N GLU C 121 -20.88 0.08 -17.49
CA GLU C 121 -21.24 1.47 -17.25
C GLU C 121 -20.86 1.85 -15.83
N LYS C 122 -20.65 3.16 -15.60
CA LYS C 122 -20.17 3.66 -14.32
C LYS C 122 -20.70 5.07 -14.07
N TYR C 123 -20.13 5.74 -13.06
CA TYR C 123 -20.46 7.10 -12.65
C TYR C 123 -19.25 7.66 -11.90
N GLY C 124 -18.92 8.94 -12.12
CA GLY C 124 -17.75 9.55 -11.51
C GLY C 124 -17.87 11.04 -11.19
N ILE C 125 -16.73 11.74 -11.07
CA ILE C 125 -16.70 13.14 -10.64
C ILE C 125 -16.16 14.01 -11.78
N LYS C 126 -16.57 15.28 -11.78
CA LYS C 126 -16.25 16.20 -12.87
C LYS C 126 -15.87 17.59 -12.36
N ASN C 127 -15.03 17.68 -11.33
CA ASN C 127 -14.61 18.97 -10.80
C ASN C 127 -13.52 18.77 -9.77
N TYR C 128 -12.89 19.87 -9.37
CA TYR C 128 -11.87 19.86 -8.34
C TYR C 128 -12.51 19.99 -6.96
N LEU C 129 -11.73 19.65 -5.92
CA LEU C 129 -12.32 19.26 -4.65
C LEU C 129 -11.49 19.78 -3.48
N SER C 130 -12.02 20.76 -2.74
CA SER C 130 -11.46 21.19 -1.45
C SER C 130 -12.31 22.26 -0.75
N VAL C 131 -12.19 22.37 0.57
CA VAL C 131 -12.85 23.42 1.36
C VAL C 131 -12.08 23.70 2.65
N PRO C 132 -11.84 24.99 2.98
CA PRO C 132 -11.04 25.34 4.16
C PRO C 132 -11.77 25.31 5.51
N ASP C 133 -11.07 25.79 6.54
CA ASP C 133 -11.69 26.10 7.82
C ASP C 133 -12.28 27.50 7.83
N ASN C 134 -12.04 28.29 6.78
CA ASN C 134 -12.86 29.46 6.55
C ASN C 134 -14.27 29.01 6.19
N LYS C 135 -14.37 28.02 5.31
CA LYS C 135 -15.64 27.34 5.07
C LYS C 135 -15.81 26.23 6.10
N LEU C 136 -15.95 26.64 7.36
CA LEU C 136 -16.31 25.75 8.45
C LEU C 136 -17.59 26.19 9.14
N LYS C 137 -17.73 27.48 9.45
CA LYS C 137 -19.05 28.03 9.72
C LYS C 137 -19.79 28.23 8.41
N GLU C 138 -19.04 28.47 7.33
CA GLU C 138 -19.56 28.52 5.98
C GLU C 138 -19.34 27.21 5.25
N ALA C 139 -19.12 26.13 5.99
CA ALA C 139 -18.85 24.82 5.40
C ALA C 139 -20.01 24.36 4.51
N LEU C 140 -21.18 24.18 5.11
CA LEU C 140 -22.40 23.78 4.40
C LEU C 140 -23.37 24.94 4.25
N ARG C 141 -22.86 26.16 4.07
CA ARG C 141 -23.73 27.31 3.79
C ARG C 141 -24.24 27.17 2.35
N PHE C 142 -25.09 26.16 2.15
CA PHE C 142 -25.57 25.75 0.84
C PHE C 142 -24.41 25.61 -0.16
N LEU C 143 -23.48 24.73 0.20
CA LEU C 143 -22.28 24.51 -0.62
C LEU C 143 -21.98 23.05 -0.94
N GLY C 144 -22.41 22.09 -0.12
CA GLY C 144 -22.16 20.70 -0.43
C GLY C 144 -21.59 19.91 0.72
N PRO C 145 -21.81 18.59 0.72
CA PRO C 145 -21.26 17.74 1.78
C PRO C 145 -19.75 17.61 1.65
N ILE C 146 -19.06 17.72 2.78
CA ILE C 146 -17.61 17.80 2.82
C ILE C 146 -17.05 16.58 3.54
N SER C 147 -16.07 15.92 2.91
CA SER C 147 -15.35 14.82 3.52
C SER C 147 -14.22 15.39 4.39
N ILE C 148 -14.29 15.11 5.69
CA ILE C 148 -13.41 15.68 6.70
C ILE C 148 -12.69 14.57 7.43
N SER C 149 -11.96 14.91 8.48
CA SER C 149 -11.23 13.91 9.25
C SER C 149 -11.27 14.29 10.73
N VAL C 150 -11.39 13.28 11.58
CA VAL C 150 -11.48 13.47 13.03
C VAL C 150 -10.45 12.58 13.70
N ALA C 151 -9.69 13.17 14.63
CA ALA C 151 -8.82 12.40 15.52
C ALA C 151 -9.70 11.81 16.61
N VAL C 152 -10.01 10.52 16.50
CA VAL C 152 -10.95 9.87 17.42
C VAL C 152 -10.28 9.60 18.76
N SER C 153 -11.09 9.24 19.74
CA SER C 153 -10.66 8.93 21.09
C SER C 153 -11.14 7.52 21.43
N ASP C 154 -10.96 7.12 22.69
CA ASP C 154 -11.54 5.88 23.18
C ASP C 154 -12.95 6.07 23.70
N ASP C 155 -13.35 7.31 23.96
CA ASP C 155 -14.70 7.63 24.40
C ASP C 155 -15.62 7.93 23.23
N PHE C 156 -15.11 7.83 21.99
CA PHE C 156 -15.90 8.06 20.80
C PHE C 156 -16.76 6.84 20.47
N ALA C 157 -16.10 5.70 20.26
CA ALA C 157 -16.79 4.47 19.89
C ALA C 157 -17.76 3.98 20.94
N PHE C 158 -17.78 4.59 22.13
CA PHE C 158 -18.78 4.24 23.13
C PHE C 158 -20.16 4.61 22.64
N TYR C 159 -21.07 3.64 22.59
CA TYR C 159 -22.38 3.84 21.98
C TYR C 159 -23.25 4.66 22.92
N LYS C 160 -22.75 5.80 23.38
CA LYS C 160 -23.49 6.70 24.27
C LYS C 160 -24.37 7.59 23.39
N GLU C 161 -25.47 7.01 22.93
CA GLU C 161 -26.32 7.69 21.94
C GLU C 161 -26.60 9.11 22.40
N GLY C 162 -26.13 10.10 21.64
CA GLY C 162 -26.27 11.49 22.06
C GLY C 162 -25.18 12.44 21.60
N ILE C 163 -24.79 13.36 22.49
CA ILE C 163 -23.83 14.42 22.23
C ILE C 163 -22.44 13.96 22.60
N PHE C 164 -21.41 14.67 22.13
CA PHE C 164 -20.03 14.35 22.47
C PHE C 164 -19.34 15.55 23.12
N ASP C 165 -18.42 15.23 24.03
CA ASP C 165 -17.61 16.22 24.74
C ASP C 165 -16.18 15.74 24.77
N GLY C 166 -15.24 16.65 24.54
CA GLY C 166 -13.84 16.33 24.81
C GLY C 166 -12.89 17.17 23.98
N GLU C 167 -11.62 16.77 24.05
CA GLU C 167 -10.56 17.31 23.23
C GLU C 167 -10.13 16.33 22.13
N CYS C 168 -10.68 15.11 22.14
CA CYS C 168 -10.43 14.12 21.09
C CYS C 168 -8.98 13.65 21.06
N GLY C 169 -8.55 13.15 19.91
CA GLY C 169 -7.21 12.64 19.73
C GLY C 169 -6.24 13.73 19.34
N ASP C 170 -5.07 13.31 18.85
CA ASP C 170 -4.08 14.28 18.40
C ASP C 170 -3.37 13.89 17.11
N GLN C 171 -3.67 12.74 16.49
CA GLN C 171 -2.92 12.26 15.34
C GLN C 171 -3.83 11.70 14.24
N LEU C 172 -4.27 12.59 13.34
CA LEU C 172 -4.97 12.23 12.10
C LEU C 172 -6.14 11.30 12.31
N ASN C 173 -6.02 10.04 11.87
CA ASN C 173 -7.01 9.00 12.10
C ASN C 173 -8.27 9.20 11.26
N HIS C 174 -9.37 8.58 11.68
CA HIS C 174 -10.58 8.39 10.87
C HIS C 174 -11.02 9.62 10.08
N ALA C 175 -11.29 9.41 8.80
CA ALA C 175 -11.83 10.45 7.94
C ALA C 175 -13.36 10.35 7.94
N VAL C 176 -14.02 11.42 8.36
CA VAL C 176 -15.46 11.49 8.52
C VAL C 176 -16.06 12.31 7.39
N MET C 177 -17.38 12.34 7.32
CA MET C 177 -18.09 13.09 6.29
C MET C 177 -19.16 13.93 6.97
N LEU C 178 -19.06 15.25 6.82
CA LEU C 178 -19.98 16.18 7.46
C LEU C 178 -21.32 16.12 6.74
N VAL C 179 -22.27 15.38 7.31
CA VAL C 179 -23.58 15.18 6.70
C VAL C 179 -24.52 16.29 7.13
N GLY C 180 -23.99 17.32 7.76
CA GLY C 180 -24.76 18.51 8.08
C GLY C 180 -24.37 19.16 9.39
N PHE C 181 -25.05 20.25 9.76
CA PHE C 181 -24.87 20.85 11.07
C PHE C 181 -26.22 20.91 11.79
N GLY C 182 -26.18 21.35 13.04
CA GLY C 182 -27.38 21.34 13.85
C GLY C 182 -27.28 22.30 15.01
N MET C 183 -28.36 22.35 15.78
CA MET C 183 -28.47 23.23 16.95
C MET C 183 -29.28 22.51 18.01
N LYS C 184 -28.68 22.30 19.19
CA LYS C 184 -29.43 21.92 20.38
C LYS C 184 -29.98 23.14 21.11
N GLU C 185 -29.19 24.21 21.18
CA GLU C 185 -29.53 25.49 21.79
C GLU C 185 -28.43 26.45 21.35
N ILE C 186 -28.26 27.59 22.03
CA ILE C 186 -27.23 28.49 21.53
C ILE C 186 -25.98 28.51 22.41
N VAL C 187 -26.05 29.12 23.59
CA VAL C 187 -24.96 29.11 24.57
C VAL C 187 -25.48 29.54 25.94
N ASN C 188 -24.61 29.39 26.95
CA ASN C 188 -24.87 29.68 28.35
C ASN C 188 -23.55 29.88 29.09
N PRO C 189 -23.37 31.04 29.71
CA PRO C 189 -22.05 31.45 30.21
C PRO C 189 -21.53 30.61 31.36
N LEU C 190 -20.20 30.56 31.45
CA LEU C 190 -19.45 29.84 32.47
C LEU C 190 -18.32 30.72 32.99
N THR C 191 -18.67 31.97 33.32
CA THR C 191 -17.84 33.08 33.80
C THR C 191 -16.98 33.74 32.74
N LYS C 192 -16.61 33.01 31.69
CA LYS C 192 -16.07 33.66 30.50
C LYS C 192 -16.35 32.84 29.24
N LYS C 193 -16.66 31.56 29.43
CA LYS C 193 -16.85 30.61 28.34
C LYS C 193 -18.32 30.50 27.97
N GLY C 194 -18.67 29.45 27.22
CA GLY C 194 -20.06 29.18 26.93
C GLY C 194 -20.41 27.72 27.17
N GLU C 195 -21.70 27.47 27.37
CA GLU C 195 -22.24 26.12 27.47
C GLU C 195 -22.47 25.61 26.06
N LYS C 196 -21.50 24.86 25.55
CA LYS C 196 -21.60 24.29 24.21
C LYS C 196 -22.90 23.54 24.02
N HIS C 197 -23.75 24.07 23.13
CA HIS C 197 -25.04 23.50 22.82
C HIS C 197 -25.10 22.93 21.41
N TYR C 198 -24.72 23.73 20.40
CA TYR C 198 -24.78 23.30 19.01
C TYR C 198 -24.06 21.97 18.82
N TYR C 199 -24.48 21.22 17.82
CA TYR C 199 -23.86 19.93 17.49
C TYR C 199 -23.45 19.88 16.02
N TYR C 200 -22.81 18.77 15.67
CA TYR C 200 -22.12 18.61 14.39
C TYR C 200 -22.51 17.22 13.88
N ILE C 201 -23.41 17.17 12.90
CA ILE C 201 -23.89 15.88 12.41
C ILE C 201 -22.88 15.34 11.42
N ILE C 202 -22.21 14.27 11.79
CA ILE C 202 -21.20 13.62 10.94
C ILE C 202 -21.57 12.16 10.80
N LYS C 203 -21.23 11.60 9.65
CA LYS C 203 -21.43 10.20 9.34
C LYS C 203 -20.11 9.46 9.52
N ASN C 204 -20.20 8.14 9.61
CA ASN C 204 -19.01 7.32 9.74
C ASN C 204 -19.21 6.04 8.95
N SER C 205 -18.28 5.09 9.15
CA SER C 205 -18.31 3.81 8.46
C SER C 205 -18.02 2.65 9.42
N TRP C 206 -18.16 2.89 10.73
CA TRP C 206 -17.97 1.85 11.73
C TRP C 206 -19.16 0.90 11.80
N GLY C 207 -20.36 1.39 11.48
CA GLY C 207 -21.53 0.55 11.53
C GLY C 207 -22.79 1.34 11.21
N GLN C 208 -23.93 0.77 11.61
CA GLN C 208 -25.22 1.43 11.43
C GLN C 208 -26.00 1.51 12.74
N GLN C 209 -25.35 1.21 13.86
CA GLN C 209 -25.94 1.29 15.20
C GLN C 209 -25.11 2.10 16.19
N TRP C 210 -23.80 2.22 15.99
CA TRP C 210 -22.95 3.04 16.86
C TRP C 210 -23.51 4.44 17.04
N GLY C 211 -23.72 4.82 18.29
CA GLY C 211 -24.29 6.13 18.56
C GLY C 211 -25.66 6.27 17.92
N GLU C 212 -25.83 7.33 17.15
CA GLU C 212 -27.12 7.69 16.56
C GLU C 212 -27.33 6.93 15.24
N ARG C 213 -27.37 5.60 15.37
CA ARG C 213 -27.62 4.67 14.26
C ARG C 213 -26.55 4.77 13.16
N GLY C 214 -25.29 4.96 13.54
CA GLY C 214 -24.21 5.07 12.59
C GLY C 214 -23.65 6.47 12.40
N PHE C 215 -24.10 7.45 13.19
CA PHE C 215 -23.67 8.83 13.05
C PHE C 215 -23.23 9.32 14.41
N ILE C 216 -23.03 10.64 14.52
CA ILE C 216 -22.73 11.28 15.78
C ILE C 216 -22.96 12.79 15.68
N ASN C 217 -23.27 13.44 16.79
CA ASN C 217 -23.39 14.89 16.86
C ASN C 217 -22.32 15.41 17.82
N ILE C 218 -21.45 16.28 17.32
CA ILE C 218 -20.30 16.77 18.08
C ILE C 218 -20.53 18.23 18.45
N GLU C 219 -20.30 18.54 19.73
CA GLU C 219 -20.57 19.87 20.29
C GLU C 219 -19.72 20.95 19.62
N THR C 220 -20.39 21.99 19.14
CA THR C 220 -19.74 23.13 18.52
C THR C 220 -20.50 24.39 18.94
N ASP C 221 -20.08 25.54 18.41
CA ASP C 221 -20.76 26.80 18.63
C ASP C 221 -21.16 27.41 17.28
N GLU C 222 -21.82 28.56 17.34
CA GLU C 222 -22.13 29.27 16.10
C GLU C 222 -20.90 29.95 15.50
N SER C 223 -19.79 30.00 16.22
CA SER C 223 -18.50 30.35 15.64
C SER C 223 -17.72 29.07 15.38
N GLY C 224 -18.06 28.38 14.29
CA GLY C 224 -17.32 27.21 13.86
C GLY C 224 -15.86 27.49 13.58
N LEU C 225 -15.48 28.76 13.49
CA LEU C 225 -14.07 29.13 13.43
C LEU C 225 -13.30 28.55 14.61
N MET C 226 -13.92 28.52 15.79
CA MET C 226 -13.33 27.89 16.97
C MET C 226 -13.90 26.48 17.09
N ARG C 227 -13.29 25.55 16.37
CA ARG C 227 -13.68 24.15 16.36
C ARG C 227 -12.58 23.33 17.03
N LYS C 228 -12.89 22.07 17.32
CA LYS C 228 -11.97 21.20 18.02
C LYS C 228 -11.86 19.88 17.27
N CYS C 229 -10.93 19.03 17.73
CA CYS C 229 -10.70 17.70 17.16
C CYS C 229 -10.24 17.80 15.70
N GLY C 230 -9.68 18.94 15.32
CA GLY C 230 -9.33 19.22 13.95
C GLY C 230 -10.38 18.76 12.95
N LEU C 231 -11.65 19.03 13.25
CA LEU C 231 -12.76 18.50 12.47
C LEU C 231 -12.96 19.21 11.14
N GLY C 232 -12.28 20.34 10.92
CA GLY C 232 -12.37 21.05 9.67
C GLY C 232 -11.02 21.54 9.18
N THR C 233 -9.95 21.16 9.91
CA THR C 233 -8.61 21.54 9.48
C THR C 233 -8.26 20.94 8.12
N ASP C 234 -8.82 19.77 7.81
CA ASP C 234 -8.69 19.14 6.50
C ASP C 234 -10.06 18.72 6.02
N ALA C 235 -10.55 19.36 4.97
CA ALA C 235 -11.91 19.13 4.45
C ALA C 235 -11.87 19.15 2.92
N PHE C 236 -12.49 18.15 2.31
CA PHE C 236 -12.44 17.98 0.85
C PHE C 236 -13.81 17.53 0.34
N ILE C 237 -14.40 18.33 -0.54
CA ILE C 237 -15.78 18.14 -1.00
C ILE C 237 -15.77 17.88 -2.49
N PRO C 238 -16.46 16.85 -2.98
CA PRO C 238 -16.52 16.58 -4.42
C PRO C 238 -17.59 17.38 -5.13
N LEU C 239 -17.61 17.24 -6.47
CA LEU C 239 -18.53 18.00 -7.31
C LEU C 239 -18.60 17.34 -8.68
N ILE C 240 -19.82 16.96 -9.10
CA ILE C 240 -20.01 16.38 -10.42
C ILE C 240 -20.54 17.44 -11.38
N GLU C 241 -21.33 18.38 -10.87
CA GLU C 241 -21.79 19.49 -11.70
C GLU C 241 -20.59 20.36 -12.09
N MET D 1 -2.23 9.25 12.55
CA MET D 1 -0.92 9.34 11.91
C MET D 1 -1.06 9.27 10.40
N ILE D 2 -1.92 8.36 9.94
CA ILE D 2 -2.36 8.30 8.55
C ILE D 2 -3.88 8.28 8.59
N PRO D 3 -4.55 8.83 7.61
CA PRO D 3 -6.02 8.81 7.61
C PRO D 3 -6.59 7.42 7.37
N GLY D 4 -6.47 6.53 8.36
CA GLY D 4 -7.05 5.20 8.22
C GLY D 4 -6.10 4.02 8.30
N GLY D 5 -5.05 4.11 9.09
CA GLY D 5 -4.14 2.98 9.25
C GLY D 5 -3.37 2.94 10.54
N LEU D 6 -2.17 2.35 10.45
CA LEU D 6 -1.32 2.09 11.61
C LEU D 6 -0.56 3.37 12.00
N SER D 7 0.45 3.21 12.84
CA SER D 7 1.11 4.33 13.52
C SER D 7 2.59 4.03 13.71
N GLU D 8 3.23 4.69 14.68
CA GLU D 8 4.56 4.33 15.12
C GLU D 8 4.48 3.52 16.40
N ALA D 9 5.49 2.68 16.63
CA ALA D 9 5.46 1.64 17.64
C ALA D 9 5.22 2.19 19.04
N LYS D 10 4.39 1.47 19.79
CA LYS D 10 4.12 1.70 21.20
C LYS D 10 4.48 0.45 22.00
N PRO D 11 4.90 0.62 23.25
CA PRO D 11 5.50 -0.47 24.01
C PRO D 11 4.44 -1.36 24.67
N ALA D 12 4.94 -2.32 25.44
CA ALA D 12 4.17 -3.45 25.94
C ALA D 12 3.52 -3.06 27.27
N THR D 13 2.34 -2.46 27.18
CA THR D 13 1.54 -2.15 28.35
C THR D 13 0.86 -3.41 28.87
N PRO D 14 0.51 -3.45 30.15
CA PRO D 14 -0.24 -4.61 30.66
C PRO D 14 -1.59 -4.77 29.99
N GLU D 15 -2.15 -3.69 29.43
CA GLU D 15 -3.41 -3.78 28.72
C GLU D 15 -3.28 -4.53 27.40
N ILE D 16 -2.10 -4.54 26.79
CA ILE D 16 -1.85 -5.39 25.63
C ILE D 16 -1.18 -6.71 26.01
N GLN D 17 -0.91 -6.93 27.30
CA GLN D 17 -0.54 -8.23 27.80
C GLN D 17 -1.76 -9.05 28.22
N GLU D 18 -2.92 -8.43 28.34
CA GLU D 18 -4.18 -9.18 28.35
C GLU D 18 -4.56 -9.63 26.96
N ILE D 19 -4.04 -8.94 25.93
CA ILE D 19 -4.24 -9.37 24.57
C ILE D 19 -3.39 -10.59 24.25
N VAL D 20 -2.14 -10.57 24.71
CA VAL D 20 -1.17 -11.63 24.40
C VAL D 20 -1.68 -12.98 24.91
N ASP D 21 -2.27 -12.99 26.10
CA ASP D 21 -2.81 -14.21 26.68
C ASP D 21 -4.21 -14.52 26.16
N LYS D 22 -4.81 -13.64 25.38
CA LYS D 22 -6.07 -13.93 24.73
C LYS D 22 -5.89 -14.21 23.24
N VAL D 23 -4.73 -13.89 22.66
CA VAL D 23 -4.41 -14.33 21.31
C VAL D 23 -3.74 -15.70 21.31
N LYS D 24 -3.43 -16.24 22.49
CA LYS D 24 -2.75 -17.51 22.69
C LYS D 24 -3.65 -18.74 22.51
N PRO D 25 -4.89 -18.75 23.02
CA PRO D 25 -5.72 -19.95 22.82
C PRO D 25 -5.87 -20.32 21.34
N GLN D 26 -5.99 -19.31 20.48
CA GLN D 26 -6.02 -19.54 19.05
C GLN D 26 -4.65 -19.89 18.50
N LEU D 27 -3.57 -19.54 19.20
CA LEU D 27 -2.25 -20.06 18.87
C LEU D 27 -2.02 -21.40 19.55
N GLU D 28 -3.06 -22.24 19.62
CA GLU D 28 -2.87 -23.62 20.05
C GLU D 28 -3.64 -24.64 19.20
N GLU D 29 -4.73 -24.22 18.56
CA GLU D 29 -5.63 -25.17 17.92
C GLU D 29 -5.34 -25.37 16.44
N LYS D 30 -4.69 -24.41 15.78
CA LYS D 30 -4.37 -24.53 14.37
C LYS D 30 -2.87 -24.34 14.15
N THR D 31 -2.24 -23.50 14.96
CA THR D 31 -0.80 -23.31 14.86
C THR D 31 -0.08 -24.61 15.22
N ASN D 32 0.88 -24.99 14.39
CA ASN D 32 1.65 -26.20 14.67
C ASN D 32 2.43 -26.08 15.97
N GLU D 33 2.70 -24.87 16.41
CA GLU D 33 3.46 -24.61 17.63
C GLU D 33 2.47 -24.34 18.76
N THR D 34 2.12 -25.39 19.49
CA THR D 34 1.33 -25.23 20.69
C THR D 34 2.06 -24.28 21.65
N TYR D 35 1.42 -23.15 21.92
CA TYR D 35 2.02 -22.09 22.73
C TYR D 35 1.45 -22.14 24.14
N GLY D 36 2.33 -21.98 25.12
CA GLY D 36 1.90 -21.89 26.50
C GLY D 36 1.72 -20.42 26.80
N LYS D 37 2.64 -19.81 27.55
CA LYS D 37 2.59 -18.37 27.73
C LYS D 37 3.61 -17.69 26.81
N LEU D 38 3.22 -16.52 26.33
CA LEU D 38 4.00 -15.73 25.39
C LEU D 38 4.22 -14.33 25.99
N GLU D 39 5.07 -13.56 25.32
CA GLU D 39 5.35 -12.19 25.73
C GLU D 39 5.60 -11.33 24.50
N ALA D 40 5.13 -10.08 24.57
CA ALA D 40 5.21 -9.12 23.48
C ALA D 40 6.20 -8.02 23.85
N VAL D 41 6.52 -7.18 22.86
CA VAL D 41 7.41 -6.05 23.09
C VAL D 41 6.79 -4.73 22.61
N GLN D 42 6.34 -4.68 21.35
CA GLN D 42 5.89 -3.41 20.76
C GLN D 42 4.62 -3.61 19.96
N TYR D 43 3.82 -2.55 19.85
CA TYR D 43 2.55 -2.64 19.14
C TYR D 43 2.14 -1.29 18.56
N LYS D 44 1.20 -1.35 17.62
CA LYS D 44 0.51 -0.18 17.08
C LYS D 44 -0.93 -0.58 16.85
N THR D 45 -1.76 0.38 16.43
CA THR D 45 -3.18 0.11 16.23
C THR D 45 -3.72 0.83 14.99
N GLN D 46 -4.67 0.19 14.32
CA GLN D 46 -5.29 0.63 13.08
C GLN D 46 -6.69 1.19 13.37
N VAL D 47 -7.36 1.66 12.32
CA VAL D 47 -8.65 2.35 12.46
C VAL D 47 -9.73 1.48 11.82
N VAL D 48 -9.62 0.18 12.09
CA VAL D 48 -10.59 -0.86 11.74
C VAL D 48 -11.80 -0.67 12.65
N ALA D 49 -12.87 -1.44 12.40
CA ALA D 49 -14.08 -1.41 13.21
C ALA D 49 -13.74 -1.90 14.62
N GLY D 50 -13.00 -1.06 15.33
CA GLY D 50 -12.45 -1.29 16.67
C GLY D 50 -10.93 -1.22 16.54
N THR D 51 -10.31 -0.57 17.51
CA THR D 51 -8.86 -0.37 17.46
C THR D 51 -8.14 -1.69 17.28
N ASN D 52 -7.58 -1.92 16.10
CA ASN D 52 -7.00 -3.22 15.77
C ASN D 52 -5.54 -3.22 16.22
N TYR D 53 -5.32 -3.72 17.43
CA TYR D 53 -3.99 -3.89 18.00
C TYR D 53 -3.31 -5.08 17.33
N TYR D 54 -1.97 -5.06 17.31
CA TYR D 54 -1.32 -6.23 16.73
C TYR D 54 -0.12 -6.82 17.50
N ILE D 55 0.71 -5.98 18.15
CA ILE D 55 1.78 -6.38 19.09
C ILE D 55 2.92 -7.17 18.45
N LYS D 56 4.04 -7.27 19.18
CA LYS D 56 5.25 -7.97 18.73
C LYS D 56 5.62 -9.05 19.75
N VAL D 57 5.05 -10.24 19.58
CA VAL D 57 5.26 -11.44 20.39
C VAL D 57 6.59 -12.11 20.02
N ARG D 58 6.93 -13.19 20.73
CA ARG D 58 8.09 -14.01 20.42
C ARG D 58 7.67 -15.39 19.92
N ALA D 59 8.62 -16.12 19.33
CA ALA D 59 8.34 -17.34 18.58
C ALA D 59 9.06 -18.58 19.11
N GLY D 60 10.32 -18.46 19.53
CA GLY D 60 11.05 -19.65 19.93
C GLY D 60 12.10 -19.40 20.99
N ASP D 61 13.03 -20.34 21.13
CA ASP D 61 14.10 -20.19 22.12
C ASP D 61 15.19 -19.23 21.67
N ASN D 62 15.14 -18.74 20.41
CA ASN D 62 15.94 -17.55 20.11
C ASN D 62 15.27 -16.57 19.15
N LYS D 63 13.93 -16.53 19.00
CA LYS D 63 13.28 -15.76 17.94
C LYS D 63 12.16 -14.88 18.50
N TYR D 64 11.55 -14.08 17.61
CA TYR D 64 10.47 -13.14 17.93
C TYR D 64 9.24 -13.35 17.04
N MET D 65 8.24 -12.47 17.13
CA MET D 65 6.99 -12.65 16.37
C MET D 65 6.25 -11.31 16.24
N HIS D 66 5.14 -11.36 15.49
CA HIS D 66 4.18 -10.27 15.29
C HIS D 66 2.80 -10.89 15.25
N LEU D 67 1.76 -10.08 15.40
CA LEU D 67 0.38 -10.59 15.35
C LEU D 67 -0.57 -9.50 14.87
N LYS D 68 -1.89 -9.73 15.05
CA LYS D 68 -2.96 -8.82 14.66
C LYS D 68 -4.28 -9.27 15.27
N VAL D 69 -4.97 -8.38 16.01
CA VAL D 69 -6.19 -8.74 16.72
C VAL D 69 -7.26 -7.69 16.47
N PHE D 70 -8.52 -8.09 16.64
CA PHE D 70 -9.69 -7.29 16.31
C PHE D 70 -10.40 -6.88 17.59
N LYS D 71 -10.29 -5.60 17.95
CA LYS D 71 -11.17 -4.99 18.93
C LYS D 71 -12.50 -4.69 18.26
N SER D 72 -13.57 -4.78 19.03
CA SER D 72 -14.91 -4.56 18.53
C SER D 72 -15.47 -3.26 19.12
N LEU D 73 -16.60 -2.91 18.66
CA LEU D 73 -17.30 -1.82 19.28
C LEU D 73 -18.22 -2.35 20.37
N PRO D 74 -18.43 -1.57 21.44
CA PRO D 74 -19.15 -2.09 22.62
C PRO D 74 -20.53 -2.62 22.28
N GLY D 75 -20.93 -3.68 22.98
CA GLY D 75 -22.17 -4.38 22.74
C GLY D 75 -21.97 -5.88 22.72
N GLN D 76 -20.77 -6.31 22.33
CA GLN D 76 -20.36 -7.71 22.43
C GLN D 76 -19.07 -7.83 23.21
N ASN D 77 -18.88 -6.96 24.21
CA ASN D 77 -17.78 -7.00 25.16
C ASN D 77 -16.44 -6.70 24.50
N GLU D 78 -16.45 -5.89 23.43
CA GLU D 78 -15.24 -5.48 22.73
C GLU D 78 -14.33 -6.68 22.48
N ASP D 79 -14.91 -7.78 22.02
CA ASP D 79 -14.24 -9.07 22.06
C ASP D 79 -12.92 -9.04 21.29
N LEU D 80 -11.93 -9.75 21.83
CA LEU D 80 -10.59 -9.82 21.26
C LEU D 80 -10.58 -11.02 20.31
N VAL D 81 -10.65 -10.75 19.01
CA VAL D 81 -10.68 -11.81 18.00
C VAL D 81 -9.47 -11.62 17.08
N LEU D 82 -8.83 -12.73 16.76
CA LEU D 82 -7.60 -12.71 15.96
C LEU D 82 -7.96 -12.48 14.49
N THR D 83 -7.43 -11.39 13.92
CA THR D 83 -7.68 -11.03 12.54
C THR D 83 -6.47 -11.29 11.64
N GLY D 84 -5.52 -12.08 12.12
CA GLY D 84 -4.33 -12.41 11.34
C GLY D 84 -3.40 -13.34 12.10
N TYR D 85 -2.75 -14.26 11.39
CA TYR D 85 -1.96 -15.30 12.05
C TYR D 85 -0.54 -15.39 11.49
N GLN D 86 0.12 -14.25 11.31
CA GLN D 86 1.53 -14.27 10.95
C GLN D 86 2.33 -14.75 12.16
N VAL D 87 2.71 -16.01 12.11
CA VAL D 87 3.34 -16.69 13.23
C VAL D 87 4.78 -17.04 12.82
N ASP D 88 5.60 -17.36 13.83
CA ASP D 88 7.01 -17.71 13.63
C ASP D 88 7.70 -16.68 12.73
N LYS D 89 7.47 -15.42 13.10
CA LYS D 89 7.96 -14.21 12.43
C LYS D 89 9.28 -13.76 13.07
N ASN D 90 9.55 -12.47 13.01
CA ASN D 90 10.81 -11.92 13.50
C ASN D 90 10.53 -10.61 14.23
N LYS D 91 11.60 -9.88 14.55
CA LYS D 91 11.52 -8.60 15.26
C LYS D 91 11.83 -7.41 14.36
N ASP D 92 12.92 -7.48 13.60
CA ASP D 92 13.38 -6.35 12.80
C ASP D 92 12.64 -6.18 11.49
N ASP D 93 11.84 -7.17 11.08
CA ASP D 93 10.81 -6.88 10.10
C ASP D 93 9.97 -5.75 10.65
N GLU D 94 9.72 -4.74 9.82
CA GLU D 94 9.07 -3.52 10.32
C GLU D 94 7.80 -3.88 11.07
N LEU D 95 7.55 -3.18 12.17
CA LEU D 95 6.36 -3.45 12.96
C LEU D 95 5.18 -3.28 12.01
N THR D 96 4.56 -4.38 11.62
CA THR D 96 3.62 -4.37 10.50
C THR D 96 2.34 -5.08 10.91
N GLY D 97 1.26 -4.71 10.24
CA GLY D 97 -0.02 -5.38 10.37
C GLY D 97 -0.36 -6.12 9.08
N PHE D 98 -1.46 -6.85 9.16
CA PHE D 98 -1.89 -7.70 8.06
C PHE D 98 -3.38 -8.04 8.15
N MET E 177 -26.39 -24.22 -28.45
CA MET E 177 -25.14 -24.47 -29.15
C MET E 177 -24.72 -23.26 -29.98
N LEU E 178 -25.13 -22.07 -29.54
CA LEU E 178 -24.80 -20.83 -30.24
C LEU E 178 -23.32 -20.56 -30.04
N VAL E 179 -22.50 -21.16 -30.91
CA VAL E 179 -21.05 -21.08 -30.87
C VAL E 179 -20.60 -19.62 -30.75
N GLY E 180 -19.80 -19.32 -29.75
CA GLY E 180 -19.16 -18.03 -29.64
C GLY E 180 -19.41 -17.36 -28.29
N PHE E 181 -18.55 -16.39 -28.00
CA PHE E 181 -18.68 -15.51 -26.85
C PHE E 181 -18.81 -14.05 -27.24
N GLY E 182 -18.55 -13.70 -28.50
CA GLY E 182 -18.75 -12.34 -28.97
C GLY E 182 -17.71 -11.36 -28.49
N MET E 183 -17.62 -11.18 -27.16
CA MET E 183 -16.76 -10.21 -26.50
C MET E 183 -17.28 -8.80 -26.74
N LYS E 184 -16.44 -7.79 -26.47
CA LYS E 184 -16.79 -6.37 -26.51
C LYS E 184 -18.05 -6.13 -25.64
N GLU E 185 -18.89 -5.17 -26.03
CA GLU E 185 -19.85 -4.56 -25.11
C GLU E 185 -21.11 -4.02 -25.78
N ILE E 186 -21.72 -3.02 -25.14
CA ILE E 186 -22.90 -2.20 -25.52
C ILE E 186 -24.17 -3.00 -25.79
N VAL E 187 -24.15 -3.92 -26.73
CA VAL E 187 -25.36 -4.59 -27.20
C VAL E 187 -25.35 -5.96 -26.52
N ASN E 188 -26.19 -6.89 -26.99
CA ASN E 188 -26.44 -8.19 -26.35
C ASN E 188 -25.23 -8.73 -25.57
N PRO E 189 -23.97 -8.62 -26.10
CA PRO E 189 -22.77 -8.93 -25.29
C PRO E 189 -22.76 -8.56 -23.81
N LEU E 190 -23.39 -7.46 -23.38
CA LEU E 190 -23.21 -7.01 -22.00
C LEU E 190 -23.54 -8.11 -20.99
N THR E 191 -24.42 -9.04 -21.37
CA THR E 191 -24.82 -10.21 -20.58
C THR E 191 -24.88 -9.90 -19.09
N LYS E 192 -25.70 -8.90 -18.75
CA LYS E 192 -26.04 -8.65 -17.35
C LYS E 192 -26.38 -9.97 -16.67
N LYS E 193 -27.23 -10.77 -17.33
CA LYS E 193 -27.27 -12.21 -17.09
C LYS E 193 -27.89 -12.85 -18.33
N GLY E 194 -27.05 -13.39 -19.21
CA GLY E 194 -27.53 -14.07 -20.39
C GLY E 194 -27.75 -15.55 -20.12
C1 GOL F . 19.04 -3.81 -31.05
O1 GOL F . 19.07 -3.69 -32.44
C2 GOL F . 17.63 -4.35 -30.68
O2 GOL F . 17.43 -4.38 -29.31
C3 GOL F . 17.57 -5.75 -31.31
O3 GOL F . 17.20 -6.63 -30.30
C1 GOL G . 23.35 -11.44 -23.36
O1 GOL G . 24.01 -12.37 -22.57
C2 GOL G . 24.40 -10.91 -24.35
O2 GOL G . 24.66 -11.82 -25.35
C3 GOL G . 23.83 -9.58 -24.90
O3 GOL G . 23.63 -8.72 -23.82
C1 GOL H . 14.16 12.32 -20.68
O1 GOL H . 13.23 13.25 -20.25
C2 GOL H . 14.58 11.50 -19.43
O2 GOL H . 14.18 10.18 -19.52
C3 GOL H . 16.11 11.66 -19.33
O3 GOL H . 16.47 11.45 -18.00
C1 GOL I . 12.34 29.78 -25.11
O1 GOL I . 11.16 29.51 -24.40
C2 GOL I . 12.75 31.25 -24.78
O2 GOL I . 13.77 31.69 -25.61
C3 GOL I . 11.47 32.08 -24.95
O3 GOL I . 11.88 33.37 -25.31
C1 GOL J . 31.97 0.17 -14.42
O1 GOL J . 33.32 0.09 -14.73
C2 GOL J . 31.48 1.54 -14.93
O2 GOL J . 30.31 1.92 -14.28
C3 GOL J . 32.64 2.52 -14.67
O3 GOL J . 32.07 3.71 -14.26
C1 GOL K . -5.38 -21.18 -27.14
O1 GOL K . -4.66 -20.83 -28.28
C2 GOL K . -6.25 -22.40 -27.51
O2 GOL K . -6.12 -22.74 -28.85
C3 GOL K . -5.81 -23.55 -26.55
O3 GOL K . -4.61 -23.18 -25.94
C1 GOL L . 9.08 -29.53 -20.01
O1 GOL L . 9.02 -29.02 -18.71
C2 GOL L . 9.78 -28.46 -20.91
O2 GOL L . 10.85 -27.85 -20.26
C3 GOL L . 10.26 -29.23 -22.16
O3 GOL L . 9.59 -30.46 -22.17
C1 GOL M . 12.67 -30.57 -17.56
O1 GOL M . 13.27 -29.54 -18.31
C2 GOL M . 12.24 -31.68 -18.56
O2 GOL M . 10.88 -31.93 -18.51
C3 GOL M . 12.70 -31.20 -19.96
O3 GOL M . 11.89 -31.86 -20.89
C1 GOL N . -2.41 -24.84 -33.86
O1 GOL N . -1.42 -25.79 -34.12
C2 GOL N . -3.77 -25.51 -34.10
O2 GOL N . -3.95 -26.66 -33.35
C3 GOL N . -4.82 -24.43 -33.77
O3 GOL N . -6.03 -24.88 -34.25
C1 GOL O . 10.63 -1.96 4.31
O1 GOL O . 11.46 -2.11 5.41
C2 GOL O . 9.15 -2.07 4.81
O2 GOL O . 8.24 -1.80 3.80
C3 GOL O . 9.01 -3.52 5.34
O3 GOL O . 7.68 -3.91 5.14
C1 GOL P . -2.52 -26.79 -21.13
O1 GOL P . -2.00 -26.64 -19.85
C2 GOL P . -2.59 -28.30 -21.41
O2 GOL P . -3.16 -28.58 -22.64
C3 GOL P . -1.13 -28.79 -21.33
O3 GOL P . -1.15 -30.11 -21.77
C1 GOL Q . -7.06 -23.13 0.03
O1 GOL Q . -6.35 -21.99 -0.27
C2 GOL Q . -6.28 -24.34 -0.55
O2 GOL Q . -5.08 -23.96 -1.15
C3 GOL Q . -6.05 -25.29 0.64
O3 GOL Q . -6.11 -26.58 0.12
C1 GOL R . 10.75 31.96 -29.78
O1 GOL R . 11.49 32.35 -30.88
C2 GOL R . 11.08 30.48 -29.52
O2 GOL R . 12.44 30.27 -29.37
C3 GOL R . 10.31 30.12 -28.24
O3 GOL R . 10.26 28.74 -28.20
C1 GOL S . 20.47 14.29 -20.68
O1 GOL S . 20.76 15.64 -20.80
C2 GOL S . 19.45 13.93 -21.80
O2 GOL S . 18.64 12.87 -21.41
C3 GOL S . 18.63 15.21 -22.06
O3 GOL S . 19.29 15.91 -23.07
NA NA T . 15.46 -20.67 -26.05
NA NA U . 16.86 2.78 -29.83
NA NA V . 20.09 -7.67 -24.31
C1 PEG W . -7.24 -26.52 -14.37
O1 PEG W . -6.15 -26.12 -13.55
C2 PEG W . -7.04 -26.08 -15.79
O2 PEG W . -7.14 -27.21 -16.65
C3 PEG W . -6.20 -27.17 -17.73
C4 PEG W . -6.29 -28.43 -18.54
O4 PEG W . -7.29 -29.29 -18.05
C1 PEG X . 17.38 -17.32 -28.87
O1 PEG X . 17.24 -15.94 -29.16
C2 PEG X . 17.55 -18.13 -30.10
O2 PEG X . 16.29 -18.64 -30.51
C3 PEG X . 16.04 -18.50 -31.90
C4 PEG X . 15.55 -19.80 -32.45
O4 PEG X . 16.55 -20.79 -32.40
C1 PEG Y . 26.87 -0.55 -8.68
O1 PEG Y . 26.89 -1.90 -9.14
C2 PEG Y . 26.32 0.37 -9.71
O2 PEG Y . 24.91 0.47 -9.58
C3 PEG Y . 24.51 1.36 -8.54
C4 PEG Y . 24.94 2.75 -8.88
O4 PEG Y . 24.02 3.39 -9.75
C1 PEG Z . -7.11 -17.66 -35.01
O1 PEG Z . -7.17 -19.07 -34.88
C2 PEG Z . -5.83 -17.12 -34.48
O2 PEG Z . -6.10 -16.34 -33.32
C3 PEG Z . -5.15 -15.31 -33.11
C4 PEG Z . -5.81 -14.18 -32.38
O4 PEG Z . -5.02 -13.00 -32.43
O1 PE8 AA . 15.21 18.02 -24.79
C2 PE8 AA . 15.46 19.40 -24.87
C3 PE8 AA . 14.27 20.18 -24.33
O4 PE8 AA . 14.53 21.56 -24.37
C5 PE8 AA . 15.77 21.93 -23.83
C6 PE8 AA . 15.59 22.60 -22.47
O7 PE8 AA . 14.42 22.14 -21.84
C8 PE8 AA . 14.60 21.87 -20.49
C9 PE8 AA . 15.20 20.47 -20.36
O10 PE8 AA . 16.34 20.53 -19.55
C11 PE8 AA . 16.70 19.30 -19.02
C12 PE8 AA . 15.98 19.12 -17.69
O13 PE8 AA . 15.93 17.75 -17.37
C14 PE8 AA . 14.70 17.16 -17.65
C15 PE8 AA . 14.96 15.89 -18.45
O16 PE8 AA . 16.19 15.37 -18.04
C17 PE8 AA . 16.06 14.42 -17.02
C18 PE8 AA . 17.34 14.38 -16.19
O19 PE8 AA . 18.45 14.34 -17.03
C20 PE8 AA . 19.35 15.42 -16.94
C21 PE8 AA . 19.21 16.17 -15.61
O22 PE8 AA . 18.45 17.33 -15.81
C23 PE8 AA . 18.17 18.05 -14.64
C24 PE8 AA . 18.17 19.55 -14.93
O25 PE8 AA . 19.46 19.96 -15.29
O1 PE8 BA . 1.14 -38.19 -11.40
C2 PE8 BA . 1.15 -37.46 -10.21
C3 PE8 BA . 1.98 -36.19 -10.40
O4 PE8 BA . 2.18 -35.57 -9.17
C5 PE8 BA . 3.15 -34.56 -9.21
C6 PE8 BA . 3.60 -34.22 -7.80
O7 PE8 BA . 3.28 -35.28 -6.94
C8 PE8 BA . 4.34 -36.16 -6.71
C9 PE8 BA . 3.79 -37.55 -6.40
O10 PE8 BA . 4.70 -38.51 -6.86
C11 PE8 BA . 4.48 -38.87 -8.19
C12 PE8 BA . 5.51 -39.92 -8.60
O13 PE8 BA . 6.62 -39.84 -7.76
C14 PE8 BA . 7.38 -41.02 -7.71
C15 PE8 BA . 8.50 -40.87 -6.68
O16 PE8 BA . 9.75 -40.91 -7.32
C17 PE8 BA . 10.51 -39.74 -7.15
C18 PE8 BA . 10.84 -39.18 -8.54
O19 PE8 BA . 10.50 -40.15 -9.49
C20 PE8 BA . 9.82 -39.66 -10.60
C21 PE8 BA . 9.43 -40.84 -11.48
O22 PE8 BA . 8.18 -41.31 -11.10
C23 PE8 BA . 7.23 -41.20 -12.11
C24 PE8 BA . 6.87 -42.59 -12.62
O25 PE8 BA . 5.85 -42.49 -13.58
O1 PE8 CA . 5.92 23.80 0.45
C2 PE8 CA . 5.73 23.61 -0.93
C3 PE8 CA . 4.62 24.54 -1.42
O4 PE8 CA . 4.49 24.40 -2.80
C5 PE8 CA . 3.26 23.86 -3.18
C6 PE8 CA . 3.41 23.34 -4.61
O7 PE8 CA . 4.73 22.98 -4.84
C8 PE8 CA . 4.85 22.00 -5.83
C9 PE8 CA . 5.70 22.49 -6.99
O10 PE8 CA . 5.51 23.87 -7.13
C11 PE8 CA . 6.31 24.46 -8.10
C12 PE8 CA . 5.41 24.83 -9.27
O13 PE8 CA . 5.42 23.73 -10.14
C14 PE8 CA . 4.18 23.44 -10.68
C15 PE8 CA . 4.13 21.99 -11.18
O16 PE8 CA . 4.95 21.16 -10.40
C17 PE8 CA . 6.06 20.65 -11.10
C18 PE8 CA . 7.37 21.12 -10.45
O19 PE8 CA . 7.58 20.48 -9.22
C20 PE8 CA . 8.70 19.63 -9.15
C21 PE8 CA . 9.71 19.92 -10.26
O22 PE8 CA . 10.13 18.69 -10.78
C23 PE8 CA . 9.97 18.59 -12.16
C24 PE8 CA . 9.08 17.39 -12.48
O25 PE8 CA . 8.07 17.29 -11.52
C1 EDO DA . 20.46 -4.03 -27.48
O1 EDO DA . 21.63 -4.30 -26.72
C2 EDO DA . 20.01 -2.59 -27.26
O2 EDO DA . 18.58 -2.55 -27.10
C1 EDO EA . 2.28 -30.12 -11.16
O1 EDO EA . 2.49 -31.52 -11.38
C2 EDO EA . 3.36 -29.59 -10.23
O2 EDO EA . 3.59 -30.55 -9.18
C1 EDO FA . 6.20 17.84 -18.50
O1 EDO FA . 5.94 16.74 -19.38
C2 EDO FA . 5.51 19.09 -19.01
O2 EDO FA . 5.39 20.02 -17.92
O1 PG4 GA . -2.75 -20.71 0.32
C1 PG4 GA . -2.50 -20.40 1.68
C2 PG4 GA . -3.15 -19.11 2.09
O2 PG4 GA . -2.16 -18.10 2.25
C3 PG4 GA . -1.34 -17.94 1.11
C4 PG4 GA . -0.37 -16.82 1.32
O3 PG4 GA . -0.53 -16.27 2.61
C5 PG4 GA . 0.09 -14.99 2.63
C6 PG4 GA . -0.52 -14.19 3.73
O4 PG4 GA . -1.78 -14.74 4.08
C7 PG4 GA . -2.75 -13.71 4.12
C8 PG4 GA . -4.12 -14.31 3.98
O5 PG4 GA . -4.00 -15.68 3.67
O1 PG4 HA . 13.91 -24.12 -28.47
C1 PG4 HA . 13.41 -23.41 -29.60
C2 PG4 HA . 12.98 -22.03 -29.24
O2 PG4 HA . 11.72 -21.76 -29.84
C3 PG4 HA . 10.70 -22.62 -29.36
C4 PG4 HA . 9.58 -22.73 -30.35
O3 PG4 HA . 9.97 -23.57 -31.43
C5 PG4 HA . 9.91 -24.91 -30.96
C6 PG4 HA . 10.11 -25.88 -32.08
O4 PG4 HA . 9.61 -27.17 -31.76
C7 PG4 HA . 8.49 -27.06 -30.89
C8 PG4 HA . 7.91 -28.42 -30.64
O5 PG4 HA . 6.73 -28.29 -29.87
O1 PG4 IA . -4.36 -10.09 0.85
C1 PG4 IA . -4.76 -10.39 -0.48
C2 PG4 IA . -5.31 -11.78 -0.57
O2 PG4 IA . -5.15 -12.42 0.68
C3 PG4 IA . -5.50 -13.80 0.65
C4 PG4 IA . -4.43 -14.59 -0.01
O3 PG4 IA . -3.17 -14.21 0.53
C5 PG4 IA . -2.23 -14.24 -0.53
C6 PG4 IA . -1.43 -12.98 -0.49
O4 PG4 IA . -1.30 -12.54 0.86
C7 PG4 IA . -0.39 -11.45 0.87
C8 PG4 IA . 0.87 -11.80 0.13
O5 PG4 IA . 1.82 -12.36 1.01
O1 PG4 JA . 3.80 -23.11 -38.61
C1 PG4 JA . 3.27 -22.03 -37.86
C2 PG4 JA . 3.35 -20.73 -38.60
O2 PG4 JA . 3.99 -19.75 -37.81
C3 PG4 JA . 3.69 -19.84 -36.42
C4 PG4 JA . 4.19 -18.62 -35.72
O3 PG4 JA . 3.65 -17.47 -36.32
C5 PG4 JA . 2.91 -16.79 -35.31
C6 PG4 JA . 1.71 -16.15 -35.93
O4 PG4 JA . 1.09 -17.07 -36.81
C7 PG4 JA . 1.11 -16.49 -38.11
C8 PG4 JA . 1.32 -17.56 -39.13
O5 PG4 JA . 1.97 -17.01 -40.27
O1 PG4 KA . 25.97 18.10 -20.28
C1 PG4 KA . 24.64 17.61 -20.21
C2 PG4 KA . 24.55 16.18 -20.64
O2 PG4 KA . 25.84 15.57 -20.54
C3 PG4 KA . 25.80 14.17 -20.83
C4 PG4 KA . 25.95 13.39 -19.56
O3 PG4 KA . 24.81 12.58 -19.35
C5 PG4 KA . 24.57 12.57 -17.95
C6 PG4 KA . 23.23 13.18 -17.64
O4 PG4 KA . 23.41 14.46 -17.06
C7 PG4 KA . 23.93 14.28 -15.75
C8 PG4 KA . 24.77 15.46 -15.37
O5 PG4 KA . 25.68 15.77 -16.42
O1 PG4 LA . 8.57 18.91 -34.10
C1 PG4 LA . 9.38 17.76 -34.10
C2 PG4 LA . 10.84 18.10 -34.21
O2 PG4 LA . 11.16 19.08 -33.22
C3 PG4 LA . 12.26 18.70 -32.42
C4 PG4 LA . 12.75 19.85 -31.59
O3 PG4 LA . 12.07 21.05 -31.92
C5 PG4 LA . 11.94 21.80 -30.72
C6 PG4 LA . 10.81 22.77 -30.85
O4 PG4 LA . 9.67 22.31 -30.14
C7 PG4 LA . 9.32 21.06 -30.70
C8 PG4 LA . 7.98 20.59 -30.24
O5 PG4 LA . 7.75 19.29 -30.77
O1 PG4 MA . -7.72 18.57 -22.11
C1 PG4 MA . -6.52 19.05 -21.53
C2 PG4 MA . -6.82 19.93 -20.35
O2 PG4 MA . -5.84 19.75 -19.33
C3 PG4 MA . -5.32 18.44 -19.25
C4 PG4 MA . -6.09 17.61 -18.26
O3 PG4 MA . -6.88 18.45 -17.42
C5 PG4 MA . -7.92 17.62 -16.91
C6 PG4 MA . -8.87 18.43 -16.12
O4 PG4 MA . -8.19 19.56 -15.60
C7 PG4 MA . -8.86 20.72 -16.07
C8 PG4 MA . -7.97 21.91 -15.88
O5 PG4 MA . -7.01 21.62 -14.88
C1 PEG NA . 13.34 25.30 -22.12
O1 PEG NA . 14.03 26.50 -21.80
C2 PEG NA . 12.45 25.48 -23.31
O2 PEG NA . 11.73 24.28 -23.57
C3 PEG NA . 10.36 24.31 -23.18
C4 PEG NA . 9.94 25.68 -22.76
O4 PEG NA . 8.89 25.62 -21.79
C1 EDO OA . 0.93 2.01 -35.78
O1 EDO OA . 1.13 2.43 -37.13
C2 EDO OA . 2.04 2.55 -34.90
O2 EDO OA . 1.62 2.52 -33.53
O1 PG4 PA . 6.87 -37.28 -26.13
C1 PG4 PA . 6.22 -36.32 -26.94
C2 PG4 PA . 6.21 -34.98 -26.30
O2 PG4 PA . 5.93 -35.13 -24.90
C3 PG4 PA . 6.26 -33.96 -24.16
C4 PG4 PA . 5.87 -32.74 -24.95
O3 PG4 PA . 6.25 -31.55 -24.28
C5 PG4 PA . 5.99 -30.53 -25.22
C6 PG4 PA . 6.93 -30.67 -26.38
O4 PG4 PA . 7.98 -29.71 -26.28
C7 PG4 PA . 7.38 -28.44 -26.05
C8 PG4 PA . 7.78 -27.47 -27.12
O5 PG4 PA . 7.05 -26.27 -26.99
O1 PG4 QA . 15.53 -30.80 -21.56
C1 PG4 QA . 16.11 -31.91 -20.89
C2 PG4 QA . 15.45 -33.20 -21.28
O2 PG4 QA . 15.05 -33.89 -20.10
C3 PG4 QA . 14.88 -35.29 -20.31
C4 PG4 QA . 13.92 -35.84 -19.31
O3 PG4 QA . 13.95 -35.05 -18.13
C5 PG4 QA . 14.31 -35.91 -17.05
C6 PG4 QA . 13.23 -36.90 -16.78
O4 PG4 QA . 13.75 -38.06 -16.16
C7 PG4 QA . 13.19 -39.18 -16.85
C8 PG4 QA . 13.63 -40.45 -16.19
O5 PG4 QA . 13.19 -41.57 -16.93
NA NA RA . 9.80 19.57 -19.08
C1 GOL SA . -10.23 -18.52 -36.67
O1 GOL SA . -10.59 -19.51 -37.58
C2 GOL SA . -10.25 -17.18 -37.43
O2 GOL SA . -10.33 -17.37 -38.81
C3 GOL SA . -11.47 -16.42 -36.88
O3 GOL SA . -11.29 -15.07 -37.18
C1 PEG TA . 24.30 1.82 -25.73
O1 PEG TA . 24.65 3.08 -25.17
C2 PEG TA . 23.33 1.99 -26.86
O2 PEG TA . 23.43 3.30 -27.37
C3 PEG TA . 23.62 3.36 -28.78
C4 PEG TA . 23.80 4.79 -29.20
O4 PEG TA . 23.04 5.65 -28.36
C1 PEG UA . 30.53 11.34 -18.29
O1 PEG UA . 30.28 12.73 -18.19
C2 PEG UA . 29.52 10.55 -17.50
O2 PEG UA . 28.93 9.56 -18.34
C3 PEG UA . 27.52 9.50 -18.19
C4 PEG UA . 26.92 8.85 -19.40
O4 PEG UA . 26.44 9.82 -20.32
C1 EDO VA . 28.93 10.99 -22.88
O1 EDO VA . 28.14 11.48 -23.99
C2 EDO VA . 29.19 12.13 -21.90
O2 EDO VA . 30.60 12.25 -21.69
O1 PG4 WA . 27.83 15.16 -29.59
C1 PG4 WA . 28.34 16.48 -29.55
C2 PG4 WA . 27.69 17.29 -28.47
O2 PG4 WA . 26.36 17.60 -28.85
C3 PG4 WA . 25.87 18.79 -28.25
C4 PG4 WA . 24.55 18.53 -27.61
O3 PG4 WA . 24.00 17.31 -28.12
C5 PG4 WA . 22.96 16.94 -27.23
C6 PG4 WA . 22.73 15.46 -27.33
O4 PG4 WA . 21.76 15.07 -26.35
C7 PG4 WA . 22.32 13.97 -25.64
C8 PG4 WA . 22.67 14.41 -24.25
O5 PG4 WA . 22.93 13.27 -23.45
C1 GOL XA . 14.07 19.62 0.22
O1 GOL XA . 13.74 18.27 0.25
C2 GOL XA . 14.33 20.04 1.68
O2 GOL XA . 15.59 20.58 1.86
C3 GOL XA . 13.21 21.04 2.01
O3 GOL XA . 13.78 22.04 2.79
C1 GOL YA . 26.26 15.00 -25.00
O1 GOL YA . 26.68 13.66 -25.04
C2 GOL YA . 27.33 15.80 -24.21
O2 GOL YA . 28.59 15.68 -24.77
C3 GOL YA . 26.82 17.26 -24.19
O3 GOL YA . 27.88 18.05 -23.75
C1 GOL ZA . 28.69 -13.18 -13.91
O1 GOL ZA . 27.94 -13.57 -12.80
C2 GOL ZA . 28.33 -11.69 -14.20
O2 GOL ZA . 28.21 -10.94 -13.04
C3 GOL ZA . 29.47 -11.17 -15.11
O3 GOL ZA . 29.58 -9.79 -14.85
C1 GOL AB . 22.12 -11.66 11.76
O1 GOL AB . 23.18 -10.76 11.63
C2 GOL AB . 22.37 -12.79 10.74
O2 GOL AB . 23.41 -13.61 11.14
C3 GOL AB . 22.68 -12.07 9.39
O3 GOL AB . 21.94 -10.90 9.33
C1 EDO BB . 40.20 -5.74 -12.51
O1 EDO BB . 39.64 -4.82 -13.46
C2 EDO BB . 39.48 -7.09 -12.63
O2 EDO BB . 40.28 -8.10 -12.02
O1 PG4 CB . 48.35 3.30 -12.63
C1 PG4 CB . 49.56 2.58 -12.82
C2 PG4 CB . 49.31 1.17 -13.28
O2 PG4 CB . 47.95 0.83 -13.09
C3 PG4 CB . 47.58 -0.36 -13.76
C4 PG4 CB . 47.66 -1.53 -12.83
O3 PG4 CB . 47.10 -2.68 -13.44
C5 PG4 CB . 47.97 -3.76 -13.14
C6 PG4 CB . 47.79 -4.83 -14.16
O4 PG4 CB . 47.38 -6.04 -13.52
C7 PG4 CB . 47.06 -6.93 -14.58
C8 PG4 CB . 46.51 -8.21 -14.03
O5 PG4 CB . 45.17 -7.99 -13.61
O1 PE8 DB . 44.36 -2.95 13.20
C2 PE8 DB . 44.31 -1.61 13.63
C3 PE8 DB . 45.51 -1.31 14.53
O4 PE8 DB . 45.43 -2.01 15.74
C5 PE8 DB . 46.53 -1.80 16.58
C6 PE8 DB . 47.83 -2.02 15.80
O7 PE8 DB . 48.69 -2.97 16.38
C8 PE8 DB . 48.37 -3.42 17.67
C9 PE8 DB . 49.52 -3.09 18.61
O10 PE8 DB . 49.44 -1.74 18.95
C11 PE8 DB . 50.66 -1.08 18.99
C12 PE8 DB . 51.36 -1.39 20.31
O13 PE8 DB . 52.56 -2.05 20.07
C14 PE8 DB . 53.52 -1.28 19.43
C15 PE8 DB . 54.92 -1.62 19.97
O16 PE8 DB . 55.33 -0.67 20.92
C17 PE8 DB . 54.97 0.65 20.60
C18 PE8 DB . 55.99 1.64 21.14
O19 PE8 DB . 57.06 0.94 21.73
C20 PE8 DB . 58.27 1.10 21.05
C21 PE8 DB . 58.99 -0.25 21.01
O22 PE8 DB . 59.30 -0.56 19.69
C23 PE8 DB . 59.28 -1.94 19.42
C24 PE8 DB . 59.42 -2.17 17.92
O25 PE8 DB . 59.67 -0.95 17.27
C1 GOL EB . 39.63 12.70 5.14
O1 GOL EB . 39.28 12.84 3.80
C2 GOL EB . 39.90 14.13 5.70
O2 GOL EB . 40.86 14.12 6.70
C3 GOL EB . 40.35 14.96 4.46
O3 GOL EB . 40.72 16.22 4.94
C1 GOL FB . 27.45 11.95 10.71
O1 GOL FB . 27.97 10.66 10.52
C2 GOL FB . 27.58 12.71 9.37
O2 GOL FB . 28.22 11.98 8.40
C3 GOL FB . 28.35 13.99 9.73
O3 GOL FB . 27.46 14.85 10.33
C1 GOL GB . 40.31 5.06 -6.79
O1 GOL GB . 39.18 5.27 -6.01
C2 GOL GB . 41.54 5.36 -5.91
O2 GOL GB . 41.17 5.72 -4.62
C3 GOL GB . 42.38 4.07 -5.94
O3 GOL GB . 41.72 3.13 -5.14
C1 GOL HB . 34.33 -2.40 -12.47
O1 GOL HB . 33.87 -3.72 -12.51
C2 GOL HB . 34.71 -2.09 -11.00
O2 GOL HB . 33.64 -2.28 -10.13
C3 GOL HB . 35.23 -0.62 -11.00
O3 GOL HB . 34.57 0.05 -12.02
C1 GOL IB . 23.34 10.00 10.24
O1 GOL IB . 22.03 10.08 10.71
C2 GOL IB . 23.82 8.59 10.59
O2 GOL IB . 23.19 7.62 9.82
C3 GOL IB . 25.35 8.61 10.40
O3 GOL IB . 25.90 8.88 11.66
C1 GOL JB . 37.44 3.85 21.37
O1 GOL JB . 36.96 2.63 20.86
C2 GOL JB . 38.78 4.14 20.64
O2 GOL JB . 38.60 4.87 19.48
C3 GOL JB . 39.65 4.91 21.66
O3 GOL JB . 40.64 5.55 20.91
C1 GOL KB . 54.41 -5.70 18.41
O1 GOL KB . 53.83 -4.51 17.99
C2 GOL KB . 54.60 -6.56 17.15
O2 GOL KB . 55.85 -7.16 17.11
C3 GOL KB . 53.44 -7.57 17.16
O3 GOL KB . 54.00 -8.85 17.21
C1 GOL LB . 48.62 -11.16 11.97
O1 GOL LB . 48.97 -11.04 13.32
C2 GOL LB . 48.41 -9.72 11.42
O2 GOL LB . 49.39 -8.84 11.86
C3 GOL LB . 48.38 -9.84 9.87
O3 GOL LB . 47.94 -8.61 9.38
C1 GOL MB . 30.15 -8.93 -18.61
O1 GOL MB . 29.32 -9.84 -19.24
C2 GOL MB . 30.59 -7.90 -19.67
O2 GOL MB . 30.32 -6.59 -19.27
C3 GOL MB . 32.09 -8.13 -19.87
O3 GOL MB . 32.50 -7.16 -20.77
C1 GOL NB . 36.26 -9.29 -5.11
O1 GOL NB . 37.55 -8.80 -4.89
C2 GOL NB . 36.02 -9.28 -6.64
O2 GOL NB . 37.05 -8.66 -7.31
C3 GOL NB . 35.87 -10.77 -7.05
O3 GOL NB . 36.35 -11.56 -6.00
C1 GOL OB . 35.64 5.75 -12.20
O1 GOL OB . 35.88 6.64 -11.15
C2 GOL OB . 36.57 4.53 -11.99
O2 GOL OB . 36.69 4.19 -10.64
C3 GOL OB . 35.94 3.40 -12.81
O3 GOL OB . 36.86 2.36 -12.82
NA NA PB . 50.94 -8.04 18.18
NA NA QB . 26.52 7.87 0.31
S SO4 RB . 9.67 11.62 7.03
O1 SO4 RB . 10.78 11.27 7.91
O2 SO4 RB . 10.15 12.55 6.01
O3 SO4 RB . 8.61 12.27 7.80
O4 SO4 RB . 9.14 10.43 6.38
C1 PEG SB . 32.69 -13.46 -14.47
O1 PEG SB . 32.20 -14.09 -13.29
C2 PEG SB . 33.44 -12.20 -14.15
O2 PEG SB . 34.76 -12.53 -13.73
C3 PEG SB . 35.49 -11.39 -13.30
C4 PEG SB . 36.85 -11.83 -12.82
O4 PEG SB . 37.00 -13.24 -12.89
O1 PE8 TB . 55.85 3.85 8.67
C2 PE8 TB . 54.51 3.65 9.02
C3 PE8 TB . 54.12 2.20 8.75
O4 PE8 TB . 52.72 2.08 8.70
C5 PE8 TB . 52.29 0.86 8.16
C6 PE8 TB . 50.80 0.69 8.42
O7 PE8 TB . 50.51 -0.66 8.65
C8 PE8 TB . 49.15 -0.93 8.79
C9 PE8 TB . 48.83 -2.23 8.05
O10 PE8 TB . 49.83 -3.17 8.31
C11 PE8 TB . 49.45 -4.49 8.04
C12 PE8 TB . 50.53 -5.46 8.50
O13 PE8 TB . 51.08 -6.12 7.40
C14 PE8 TB . 52.47 -6.21 7.43
C15 PE8 TB . 53.07 -4.87 7.02
O16 PE8 TB . 54.35 -4.74 7.55
C17 PE8 TB . 55.37 -4.91 6.60
C18 PE8 TB . 56.39 -3.80 6.74
O19 PE8 TB . 56.55 -3.48 8.09
C20 PE8 TB . 56.99 -2.17 8.32
C21 PE8 TB . 56.03 -1.48 9.27
O22 PE8 TB . 55.21 -2.46 9.86
C23 PE8 TB . 54.18 -1.98 10.68
C24 PE8 TB . 53.05 -3.02 10.70
O25 PE8 TB . 53.53 -4.25 10.23
O1 PE8 UB . 48.00 2.29 3.54
C2 PE8 UB . 48.64 2.22 4.77
C3 PE8 UB . 47.95 3.16 5.75
O4 PE8 UB . 48.36 4.48 5.52
C5 PE8 UB . 47.97 5.34 6.54
C6 PE8 UB . 48.23 6.77 6.09
O7 PE8 UB . 47.66 6.94 4.82
C8 PE8 UB . 46.89 8.10 4.70
C9 PE8 UB . 45.77 7.86 3.68
O10 PE8 UB . 45.14 9.06 3.33
C11 PE8 UB . 45.94 10.21 3.43
C12 PE8 UB . 45.47 11.28 2.45
O13 PE8 UB . 44.08 11.39 2.47
C14 PE8 UB . 43.64 12.71 2.26
C15 PE8 UB . 42.25 12.67 1.65
O16 PE8 UB . 41.98 11.36 1.25
C17 PE8 UB . 40.63 11.10 1.03
C18 PE8 UB . 40.39 10.82 -0.44
O19 PE8 UB . 39.98 9.49 -0.60
C20 PE8 UB . 40.90 8.68 -1.29
C21 PE8 UB . 40.95 7.31 -0.65
O22 PE8 UB . 41.86 7.30 0.41
C23 PE8 UB . 41.28 7.05 1.66
C24 PE8 UB . 42.23 6.23 2.51
O25 PE8 UB . 41.85 4.88 2.45
O1 PE8 VB . 40.50 28.12 0.89
C2 PE8 VB . 39.69 26.99 0.78
C3 PE8 VB . 40.32 25.84 1.57
O4 PE8 VB . 39.48 24.72 1.51
C5 PE8 VB . 39.62 23.99 0.33
C6 PE8 VB . 38.25 23.48 -0.11
O7 PE8 VB . 38.42 22.21 -0.67
C8 PE8 VB . 37.30 21.39 -0.53
C9 PE8 VB . 37.77 19.96 -0.23
O10 PE8 VB . 37.00 19.06 -0.96
C11 PE8 VB . 37.76 18.29 -1.84
C12 PE8 VB . 36.89 17.25 -2.55
O13 PE8 VB . 35.54 17.54 -2.35
C14 PE8 VB . 34.73 16.42 -2.19
C15 PE8 VB . 33.51 16.56 -3.11
O16 PE8 VB . 32.33 16.30 -2.41
C17 PE8 VB . 32.18 17.01 -1.23
C18 PE8 VB . 31.03 17.99 -1.38
O19 PE8 VB . 30.17 17.95 -0.28
C20 PE8 VB . 28.93 17.36 -0.51
C21 PE8 VB . 28.78 16.22 0.49
O22 PE8 VB . 29.69 15.21 0.13
C23 PE8 VB . 29.27 14.47 -0.99
C24 PE8 VB . 29.09 13.01 -0.58
O25 PE8 VB . 30.30 12.33 -0.72
C1 EDO WB . 51.52 -6.78 -0.59
O1 EDO WB . 51.51 -5.37 -0.88
C2 EDO WB . 50.39 -7.11 0.38
O2 EDO WB . 50.60 -8.42 0.92
O1 PG4 XB . 35.02 6.06 -6.38
C1 PG4 XB . 34.95 5.47 -7.66
C2 PG4 XB . 34.45 4.06 -7.58
O2 PG4 XB . 34.90 3.33 -8.72
C3 PG4 XB . 33.97 2.35 -9.14
C4 PG4 XB . 33.32 2.79 -10.41
O3 PG4 XB . 32.49 1.76 -10.90
C5 PG4 XB . 31.39 1.67 -10.01
C6 PG4 XB . 30.26 0.99 -10.70
O4 PG4 XB . 30.36 -0.41 -10.48
C7 PG4 XB . 29.53 -1.04 -11.46
C8 PG4 XB . 30.12 -2.36 -11.82
O5 PG4 XB . 31.11 -2.73 -10.89
O1 PG4 YB . 48.13 -5.40 22.51
C1 PG4 YB . 49.32 -4.87 21.95
C2 PG4 YB . 49.77 -3.64 22.68
O2 PG4 YB . 48.99 -2.53 22.28
C3 PG4 YB . 48.48 -1.77 23.38
C4 PG4 YB . 47.00 -1.82 23.37
O3 PG4 YB . 46.57 -2.89 22.54
C5 PG4 YB . 45.66 -2.35 21.59
C6 PG4 YB . 44.88 -3.48 21.00
O4 PG4 YB . 44.72 -4.51 21.97
C7 PG4 YB . 43.51 -5.19 21.65
C8 PG4 YB . 42.55 -5.11 22.80
O5 PG4 YB . 41.84 -6.34 22.92
O1 PG4 ZB . 49.28 4.51 13.81
C1 PG4 ZB . 50.07 5.21 14.76
C2 PG4 ZB . 51.15 4.32 15.32
O2 PG4 ZB . 51.94 3.81 14.26
C3 PG4 ZB . 51.78 2.41 14.07
C4 PG4 ZB . 51.77 2.07 12.62
O3 PG4 ZB . 50.44 1.96 12.16
C5 PG4 ZB . 49.92 0.76 12.70
C6 PG4 ZB . 48.43 0.87 12.85
O4 PG4 ZB . 48.10 0.62 14.21
C7 PG4 ZB . 47.41 1.76 14.70
C8 PG4 ZB . 47.70 1.89 16.16
O5 PG4 ZB . 46.77 2.81 16.76
O1 PG4 AC . 30.87 7.37 18.54
C1 PG4 AC . 31.00 8.67 19.10
C2 PG4 AC . 31.64 8.62 20.46
O2 PG4 AC . 32.20 9.89 20.77
C3 PG4 AC . 32.88 10.49 19.68
C4 PG4 AC . 33.83 11.52 20.19
O3 PG4 AC . 33.96 11.37 21.59
C5 PG4 AC . 34.99 12.23 22.04
C6 PG4 AC . 35.18 11.98 23.50
O4 PG4 AC . 34.28 10.96 23.90
C7 PG4 AC . 35.06 9.81 24.22
C8 PG4 AC . 34.29 8.57 23.87
O5 PG4 AC . 32.96 8.92 23.57
O1 PG4 BC . 18.61 13.71 5.88
C1 PG4 BC . 17.22 13.98 5.90
C2 PG4 BC . 16.82 14.76 4.69
O2 PG4 BC . 15.61 14.23 4.17
C3 PG4 BC . 14.46 14.87 4.70
C4 PG4 BC . 14.40 16.28 4.23
O3 PG4 BC . 14.45 17.19 5.33
C5 PG4 BC . 13.13 17.69 5.54
C6 PG4 BC . 12.57 18.32 4.30
O4 PG4 BC . 11.39 17.61 3.91
C7 PG4 BC . 11.19 17.83 2.52
C8 PG4 BC . 10.46 16.64 1.96
O5 PG4 BC . 10.49 15.60 2.92
C1 GOL CC . 30.96 -1.27 25.78
O1 GOL CC . 32.35 -1.19 25.73
C2 GOL CC . 30.36 0.03 25.16
O2 GOL CC . 29.30 0.50 25.90
C3 GOL CC . 31.52 1.06 25.10
O3 GOL CC . 30.98 2.28 25.49
O1 PE8 DC . 39.10 -1.89 24.86
C2 PE8 DC . 40.21 -2.36 25.57
C3 PE8 DC . 40.01 -3.84 25.88
O4 PE8 DC . 39.01 -4.34 25.04
C5 PE8 DC . 38.32 -5.44 25.55
C6 PE8 DC . 37.79 -5.10 26.95
O7 PE8 DC . 36.63 -4.35 26.85
C8 PE8 DC . 36.31 -3.62 28.01
C9 PE8 DC . 35.88 -2.20 27.65
O10 PE8 DC . 36.90 -1.30 27.98
C11 PE8 DC . 36.54 0.05 27.84
C12 PE8 DC . 37.62 0.93 28.46
O13 PE8 DC . 37.12 1.59 29.58
C14 PE8 DC . 36.63 0.74 30.57
C15 PE8 DC . 35.94 1.53 31.69
O16 PE8 DC . 35.21 0.68 32.54
C17 PE8 DC . 34.85 -0.57 31.99
C18 PE8 DC . 33.75 -1.21 32.82
O19 PE8 DC . 34.28 -1.93 33.90
C20 PE8 DC . 35.47 -2.62 33.65
C21 PE8 DC . 35.30 -4.11 33.89
O22 PE8 DC . 34.09 -4.56 33.32
C23 PE8 DC . 34.16 -5.86 32.83
C24 PE8 DC . 33.08 -6.72 33.48
O25 PE8 DC . 31.90 -6.65 32.72
C1 GOL EC . 17.53 13.36 17.36
O1 GOL EC . 18.14 13.50 18.62
C2 GOL EC . 17.35 11.84 17.14
O2 GOL EC . 17.79 11.08 18.20
C3 GOL EC . 15.85 11.66 16.87
O3 GOL EC . 15.74 10.71 15.84
NA NA FC . 43.87 -7.56 -1.86
C1 GOL GC . 40.62 8.57 -13.12
O1 GOL GC . 41.43 9.38 -13.89
C2 GOL GC . 40.80 9.04 -11.67
O2 GOL GC . 39.70 9.75 -11.22
C3 GOL GC . 41.08 7.76 -10.83
O3 GOL GC . 41.04 6.66 -11.70
C1 GOL HC . 51.58 4.67 6.39
O1 GOL HC . 51.83 4.77 7.75
C2 GOL HC . 52.08 5.98 5.74
O2 GOL HC . 51.32 6.33 4.64
C3 GOL HC . 51.98 7.04 6.88
O3 GOL HC . 53.16 7.76 6.85
C1 GOL IC . 29.50 13.65 20.76
O1 GOL IC . 29.59 12.26 20.84
C2 GOL IC . 30.81 14.13 20.11
O2 GOL IC . 30.99 13.60 18.84
C3 GOL IC . 30.72 15.68 20.10
O3 GOL IC . 31.32 16.13 18.92
C1 GOL JC . 48.14 3.64 30.49
O1 GOL JC . 48.32 4.70 29.61
C2 GOL JC . 47.12 2.66 29.85
O2 GOL JC . 46.15 2.26 30.76
C3 GOL JC . 46.49 3.43 28.66
O3 GOL JC . 45.87 2.49 27.86
C1 GOL KC . 41.58 3.19 29.88
O1 GOL KC . 42.01 4.49 29.61
C2 GOL KC . 40.04 3.23 29.90
O2 GOL KC . 39.53 3.58 31.13
C3 GOL KC . 39.67 4.27 28.84
O3 GOL KC . 38.44 3.87 28.35
C1 PEG LC . 16.80 22.69 23.22
O1 PEG LC . 16.35 21.46 22.67
C2 PEG LC . 17.17 23.67 22.14
O2 PEG LC . 17.69 24.85 22.74
C3 PEG LC . 17.85 25.91 21.81
C4 PEG LC . 16.53 26.58 21.58
O4 PEG LC . 16.18 27.45 22.63
C1 GOL MC . 46.04 22.83 7.99
O1 GOL MC . 45.24 22.17 8.92
C2 GOL MC . 46.09 24.31 8.43
O2 GOL MC . 46.65 24.45 9.67
C3 GOL MC . 46.88 25.05 7.32
O3 GOL MC . 47.81 24.15 6.82
NA NA NC . 47.20 8.03 -1.01
NA NA OC . 10.61 16.89 6.83
NA NA PC . 49.99 0.04 25.97
C1 GOL QC . -21.68 37.24 0.19
O1 GOL QC . -22.50 38.28 -0.27
C2 GOL QC . -21.30 37.57 1.65
O2 GOL QC . -20.24 36.80 2.09
C3 GOL QC . -20.95 39.07 1.63
O3 GOL QC . -19.59 39.17 1.88
C1 GOL RC . -26.85 7.26 -15.16
O1 GOL RC . -27.98 7.72 -14.45
C2 GOL RC . -26.59 5.79 -14.71
O2 GOL RC . -26.75 4.90 -15.76
C3 GOL RC . -25.13 5.80 -14.20
O3 GOL RC . -25.09 4.93 -13.11
C1 GOL SC . -31.33 40.08 10.70
O1 GOL SC . -30.74 41.11 11.41
C2 GOL SC . -32.04 40.72 9.48
O2 GOL SC . -31.33 41.81 8.97
C3 GOL SC . -32.18 39.58 8.44
O3 GOL SC . -33.54 39.29 8.34
C1 GOL TC . -34.09 47.84 7.78
O1 GOL TC . -33.23 48.93 7.87
C2 GOL TC . -33.97 47.05 9.11
O2 GOL TC . -34.67 45.86 9.08
C3 GOL TC . -32.46 46.81 9.28
O3 GOL TC . -31.93 48.00 9.75
C1 GOL UC . -40.68 28.61 -7.21
O1 GOL UC . -40.69 29.15 -5.93
C2 GOL UC . -41.96 27.77 -7.35
O2 GOL UC . -42.73 28.17 -8.43
C3 GOL UC . -41.46 26.31 -7.48
O3 GOL UC . -42.27 25.69 -8.42
C1 GOL VC . -7.75 9.86 26.69
O1 GOL VC . -6.89 8.77 26.65
C2 GOL VC . -8.80 9.64 25.58
O2 GOL VC . -9.86 8.86 26.01
C3 GOL VC . -9.23 11.05 25.13
O3 GOL VC . -10.62 11.09 25.19
C1 GOL WC . -31.61 53.85 8.79
O1 GOL WC . -30.53 54.41 9.48
C2 GOL WC . -31.14 52.49 8.25
O2 GOL WC . -32.18 51.59 8.18
C3 GOL WC . -30.53 52.78 6.84
O3 GOL WC . -30.37 54.16 6.71
C1 GOL XC . -22.52 35.42 13.00
O1 GOL XC . -22.60 36.51 13.86
C2 GOL XC . -21.53 35.77 11.85
O2 GOL XC . -22.18 35.90 10.63
C3 GOL XC . -20.88 37.10 12.29
O3 GOL XC . -20.46 37.73 11.12
C1 GOL YC . -17.55 35.31 10.37
O1 GOL YC . -16.99 35.27 11.65
C2 GOL YC . -18.03 33.88 10.06
O2 GOL YC . -19.17 33.88 9.25
C3 GOL YC . -16.85 33.21 9.34
O3 GOL YC . -17.16 31.85 9.22
C1 GOL ZC . -31.89 17.94 18.83
O1 GOL ZC . -32.49 17.12 17.87
C2 GOL ZC . -32.80 19.17 19.01
O2 GOL ZC . -32.38 19.99 20.05
C3 GOL ZC . -32.77 19.90 17.66
O3 GOL ZC . -32.98 21.24 17.94
C1 GOL AD . -26.61 6.82 -20.08
O1 GOL AD . -27.60 6.11 -19.40
C2 GOL AD . -25.57 5.80 -20.55
O2 GOL AD . -26.12 4.52 -20.64
C3 GOL AD . -25.09 6.30 -21.94
O3 GOL AD . -24.94 7.67 -21.84
NA NA BD . 2.62 15.08 15.31
NA NA CD . -3.69 19.36 10.68
NA NA DD . -11.45 31.54 21.87
C1 PEG ED . -26.64 50.01 12.63
O1 PEG ED . -27.14 51.33 12.70
C2 PEG ED . -27.44 49.17 11.69
O2 PEG ED . -27.31 47.81 12.06
C3 PEG ED . -27.51 46.91 10.98
C4 PEG ED . -28.92 46.39 11.02
O4 PEG ED . -29.07 45.26 10.17
C1 PEG FD . -0.77 19.82 23.02
O1 PEG FD . -0.09 18.70 22.49
C2 PEG FD . -1.56 20.53 21.94
O2 PEG FD . -0.98 21.81 21.71
C3 PEG FD . -1.29 22.32 20.41
C4 PEG FD . -0.71 23.70 20.29
O4 PEG FD . -0.43 24.01 18.92
C1 PEG GD . -31.23 21.91 13.59
O1 PEG GD . -30.63 21.42 14.77
C2 PEG GD . -32.16 20.89 13.00
O2 PEG GD . -32.41 19.89 13.97
C3 PEG GD . -33.79 19.66 14.17
C4 PEG GD . -34.43 19.24 12.88
O4 PEG GD . -35.84 19.37 12.93
C1 PEG HD . -24.46 1.51 -13.90
O1 PEG HD . -23.53 2.57 -13.70
C2 PEG HD . -25.80 1.83 -13.33
O2 PEG HD . -26.57 0.65 -13.11
C3 PEG HD . -25.79 -0.52 -12.93
C4 PEG HD . -26.69 -1.67 -12.58
O4 PEG HD . -28.06 -1.33 -12.82
C1 PEG ID . 0.25 17.83 18.06
O1 PEG ID . -0.21 16.66 18.70
C2 PEG ID . -0.78 18.93 18.11
O2 PEG ID . -0.15 20.20 17.96
C3 PEG ID . 0.97 20.19 17.08
C4 PEG ID . 1.01 21.46 16.30
O4 PEG ID . 0.35 21.33 15.05
C1 PEG JD . -33.93 24.57 16.88
O1 PEG JD . -34.18 23.18 16.89
C2 PEG JD . -34.57 25.26 18.04
O2 PEG JD . -35.91 25.59 17.70
C3 PEG JD . -36.28 26.89 18.12
C4 PEG JD . -37.77 26.92 18.25
O4 PEG JD . -38.37 26.06 17.29
O1 PE8 KD . 5.11 24.47 18.17
C2 PE8 KD . 4.48 23.22 18.20
C3 PE8 KD . 3.46 23.22 19.34
O4 PE8 KD . 3.19 21.90 19.66
C5 PE8 KD . 2.47 21.74 20.85
C6 PE8 KD . 2.38 20.25 21.15
O7 PE8 KD . 3.45 19.57 20.56
C8 PE8 KD . 3.29 18.19 20.60
C9 PE8 KD . 3.40 17.72 22.06
O10 PE8 KD . 2.66 16.56 22.33
C11 PE8 KD . 1.83 16.09 21.31
C12 PE8 KD . 1.14 14.79 21.71
O13 PE8 KD . 2.06 13.73 21.61
C14 PE8 KD . 1.83 12.69 22.50
C15 PE8 KD . 2.94 11.66 22.34
O16 PE8 KD . 4.17 12.31 22.13
C17 PE8 KD . 5.25 11.60 22.67
C18 PE8 KD . 6.11 12.53 23.51
O19 PE8 KD . 5.39 13.70 23.80
C20 PE8 KD . 5.79 14.35 24.98
C21 PE8 KD . 5.85 13.34 26.12
O22 PE8 KD . 7.12 13.44 26.70
C23 PE8 KD . 7.42 12.35 27.53
C24 PE8 KD . 8.91 12.40 27.87
O25 PE8 KD . 9.55 11.36 27.19
O1 PE8 LD . -21.40 44.41 7.01
C2 PE8 LD . -21.96 43.38 6.23
C3 PE8 LD . -23.00 42.60 7.05
O4 PE8 LD . -23.50 41.57 6.25
C5 PE8 LD . -23.11 40.29 6.68
C6 PE8 LD . -23.36 39.25 5.58
O7 PE8 LD . -22.35 38.28 5.62
C8 PE8 LD . -22.09 37.79 6.91
C9 PE8 LD . -20.67 37.23 6.96
O10 PE8 LD . -19.79 38.18 6.45
C11 PE8 LD . -19.01 38.81 7.44
C12 PE8 LD . -19.16 40.32 7.32
O13 PE8 LD . -20.12 40.76 8.23
C14 PE8 LD . -19.61 41.10 9.49
C15 PE8 LD . -19.53 42.63 9.59
O16 PE8 LD . -18.20 43.04 9.50
C17 PE8 LD . -17.92 44.23 10.20
C18 PE8 LD . -18.46 45.43 9.45
O19 PE8 LD . -17.84 46.60 9.92
C20 PE8 LD . -18.72 47.48 10.55
C21 PE8 LD . -18.50 48.90 10.02
O22 PE8 LD . -18.10 49.71 11.09
C23 PE8 LD . -16.94 50.47 10.81
C24 PE8 LD . -17.28 51.76 10.08
O25 PE8 LD . -16.13 52.57 10.10
C1 EDO MD . -13.44 0.93 -16.54
O1 EDO MD . -12.99 -0.36 -16.10
C2 EDO MD . -12.64 1.36 -17.77
O2 EDO MD . -13.26 0.84 -18.95
O1 PG4 ND . -10.28 3.53 -21.15
C1 PG4 ND . -8.88 3.51 -20.94
C2 PG4 ND . -8.24 4.79 -21.36
O2 PG4 ND . -9.21 5.83 -21.40
C3 PG4 ND . -8.64 7.11 -21.21
C4 PG4 ND . -8.87 7.57 -19.81
O3 PG4 ND . -7.91 8.55 -19.44
C5 PG4 ND . -7.38 8.29 -18.14
C6 PG4 ND . -8.12 7.23 -17.40
O4 PG4 ND . -7.20 6.27 -16.89
C7 PG4 ND . -7.82 5.02 -16.64
C8 PG4 ND . -9.21 4.90 -17.20
O5 PG4 ND . -9.67 3.57 -17.04
O1 PG4 OD . 1.73 14.74 2.17
C1 PG4 OD . 0.64 14.66 1.25
C2 PG4 OD . 1.09 14.13 -0.09
O2 PG4 OD . 0.25 14.67 -1.11
C3 PG4 OD . 0.01 16.06 -0.97
C4 PG4 OD . -0.02 16.72 -2.31
O3 PG4 OD . -1.24 16.40 -2.96
C5 PG4 OD . -1.40 17.33 -4.03
C6 PG4 OD . -1.12 16.62 -5.32
O4 PG4 OD . -1.48 15.25 -5.22
C7 PG4 OD . -0.46 14.51 -5.87
C8 PG4 OD . 0.08 13.43 -4.98
O5 PG4 OD . -0.34 13.67 -3.65
O1 PG4 PD . -5.98 3.64 32.48
C1 PG4 PD . -6.70 4.44 31.55
C2 PG4 PD . -6.26 5.88 31.64
O2 PG4 PD . -7.00 6.69 30.72
C3 PG4 PD . -7.70 5.95 29.73
C4 PG4 PD . -8.48 6.87 28.83
O3 PG4 PD . -9.77 6.36 28.51
C5 PG4 PD . -9.85 4.96 28.71
C6 PG4 PD . -11.23 4.62 29.18
O4 PG4 PD . -11.93 5.83 29.48
C7 PG4 PD . -12.53 5.66 30.74
C8 PG4 PD . -12.64 6.98 31.43
O5 PG4 PD . -12.09 7.98 30.59
O1 PG4 QD . -31.80 32.61 9.69
C1 PG4 QD . -31.70 32.87 11.08
C2 PG4 QD . -30.98 34.17 11.33
O2 PG4 QD . -30.43 34.62 10.09
C3 PG4 QD . -29.54 35.72 10.25
C4 PG4 QD . -29.27 36.33 8.91
O3 PG4 QD . -29.00 37.72 9.06
C5 PG4 QD . -28.37 38.16 7.86
C6 PG4 QD . -27.45 39.30 8.17
O4 PG4 QD . -27.83 39.95 9.37
C7 PG4 QD . -27.66 41.34 9.18
C8 PG4 QD . -27.04 41.99 10.37
O5 PG4 QD . -26.34 43.16 9.98
C1 EDO RD . -22.13 8.92 20.45
O1 EDO RD . -21.87 7.57 20.03
C2 EDO RD . -20.82 9.54 20.95
O2 EDO RD . -21.12 10.72 21.71
C1 EDO SD . -17.37 37.17 36.25
O1 EDO SD . -18.06 36.57 35.13
C2 EDO SD . -15.91 37.40 35.88
O2 EDO SD . -15.52 36.45 34.89
C1 PEG TD . -14.54 28.92 22.32
O1 PEG TD . -15.42 28.50 21.29
C2 PEG TD . -15.04 30.14 23.01
O2 PEG TD . -14.08 30.58 23.96
C3 PEG TD . -14.63 31.43 24.95
C4 PEG TD . -15.25 32.63 24.29
O4 PEG TD . -15.69 33.57 25.25
C1 GOL UD . -29.62 14.17 19.30
O1 GOL UD . -30.42 13.04 19.42
C2 GOL UD . -28.45 14.01 20.29
O2 GOL UD . -27.68 15.15 20.37
C3 GOL UD . -29.12 13.67 21.64
O3 GOL UD . -28.22 14.12 22.61
O1 PG4 VD . -37.67 33.79 8.60
C1 PG4 VD . -37.68 34.81 9.59
C2 PG4 VD . -36.77 35.94 9.23
O2 PG4 VD . -36.72 36.87 10.30
C3 PG4 VD . -35.41 37.08 10.79
C4 PG4 VD . -35.41 38.22 11.74
O3 PG4 VD . -35.44 39.45 11.03
C5 PG4 VD . -35.03 40.47 11.93
C6 PG4 VD . -35.16 41.80 11.26
O4 PG4 VD . -36.43 41.89 10.64
C7 PG4 VD . -37.34 42.31 11.65
C8 PG4 VD . -37.93 43.64 11.27
O5 PG4 VD . -38.06 44.45 12.43
NA NA WD . -16.17 10.61 -15.06
C1 EDO XD . -26.01 48.13 7.30
O1 EDO XD . -25.40 46.99 7.91
C2 EDO XD . -25.84 49.33 8.22
O2 EDO XD . -27.02 50.15 8.13
NA NA YD . -12.37 28.33 27.61
S SO4 ZD . -29.07 4.12 -22.69
O1 SO4 ZD . -28.72 4.54 -24.05
O2 SO4 ZD . -28.10 3.14 -22.22
O3 SO4 ZD . -30.41 3.52 -22.70
O4 SO4 ZD . -29.06 5.28 -21.80
O1 PG4 AE . 1.29 19.28 27.12
C1 PG4 AE . 2.28 18.80 26.22
C2 PG4 AE . 2.56 19.80 25.14
O2 PG4 AE . 3.56 20.71 25.60
C3 PG4 AE . 3.06 22.03 25.78
C4 PG4 AE . 4.17 23.02 25.73
O3 PG4 AE . 4.88 23.04 26.97
C5 PG4 AE . 6.13 23.67 26.73
C6 PG4 AE . 7.14 22.65 26.34
O4 PG4 AE . 6.92 21.44 27.06
C7 PG4 AE . 8.05 20.60 26.85
C8 PG4 AE . 8.10 20.16 25.42
O5 PG4 AE . 7.29 19.02 25.23
C1 GOL BE . 11.07 26.21 25.81
O1 GOL BE . 10.85 27.48 26.32
C2 GOL BE . 10.21 25.26 26.67
O2 GOL BE . 8.86 25.44 26.42
C3 GOL BE . 10.70 23.84 26.33
O3 GOL BE . 10.86 23.19 27.55
C1 PEG CE . -20.09 41.62 13.35
O1 PEG CE . -20.18 40.40 14.08
C2 PEG CE . -19.00 42.50 13.88
O2 PEG CE . -19.28 43.84 13.52
C3 PEG CE . -18.25 44.74 13.91
C4 PEG CE . -18.83 46.10 14.14
O4 PEG CE . -17.88 47.12 13.88
C1 PEG DE . 5.19 24.38 4.48
O1 PEG DE . 5.45 25.59 5.17
C2 PEG DE . 5.55 23.19 5.30
O2 PEG DE . 4.36 22.50 5.66
C3 PEG DE . 4.28 22.23 7.06
C4 PEG DE . 2.86 22.41 7.51
O4 PEG DE . 2.81 22.98 8.81
C1 GOL EE . 9.21 23.29 18.60
O1 GOL EE . 10.27 23.55 17.74
C2 GOL EE . 9.06 21.75 18.58
O2 GOL EE . 8.74 21.25 19.83
C3 GOL EE . 7.93 21.51 17.55
O3 GOL EE . 6.94 20.83 18.20
C1 GOL FE . 5.67 21.04 22.48
O1 GOL FE . 6.11 20.61 21.23
C2 GOL FE . 6.45 22.34 22.78
O2 GOL FE . 7.70 22.32 22.18
C3 GOL FE . 5.57 23.48 22.24
O3 GOL FE . 6.31 24.65 22.41
O1 PG4 GE . 2.98 1.72 10.12
C1 PG4 GE . 2.69 1.88 8.74
C2 PG4 GE . 2.37 3.30 8.41
O2 PG4 GE . 2.37 4.07 9.61
C3 PG4 GE . 2.34 5.48 9.37
C4 PG4 GE . 2.49 6.22 10.66
O3 PG4 GE . 3.69 5.81 11.31
C5 PG4 GE . 4.64 6.83 11.07
C6 PG4 GE . 6.00 6.37 11.48
O4 PG4 GE . 6.59 5.61 10.43
C7 PG4 GE . 7.84 5.12 10.89
C8 PG4 GE . 8.83 5.19 9.78
O5 PG4 GE . 9.85 6.11 10.13
NA NA HE . 4.21 12.45 11.69
C1 GOL IE . 1.50 -17.16 8.30
O1 GOL IE . 1.44 -18.46 8.83
C2 GOL IE . 2.95 -16.67 8.48
O2 GOL IE . 3.76 -17.64 9.06
C3 GOL IE . 3.44 -16.29 7.06
O3 GOL IE . 2.71 -15.17 6.65
NA NA JE . -22.86 -2.22 25.48
O1 PG4 KE . 6.95 17.84 21.80
C1 PG4 KE . 7.54 17.02 20.80
C2 PG4 KE . 7.57 15.58 21.20
O2 PG4 KE . 6.54 14.83 20.57
C3 PG4 KE . 5.88 15.49 19.49
C4 PG4 KE . 4.64 14.74 19.15
O3 PG4 KE . 4.89 13.35 19.12
C5 PG4 KE . 3.73 12.73 18.57
C6 PG4 KE . 4.01 11.30 18.29
O4 PG4 KE . 5.13 11.23 17.43
C7 PG4 KE . 4.60 11.22 16.11
C8 PG4 KE . 4.96 9.94 15.42
O5 PG4 KE . 4.40 9.99 14.11
C1 GOL LE . -8.82 -18.23 8.43
O1 GOL LE . -9.25 -17.66 7.25
C2 GOL LE . -7.84 -19.33 8.00
O2 GOL LE . -6.93 -18.85 7.09
C3 GOL LE . -7.17 -19.78 9.28
O3 GOL LE . -6.84 -21.12 9.09
C1 GOL ME . -6.99 -22.51 5.93
O1 GOL ME . -7.60 -23.03 7.07
C2 GOL ME . -8.07 -21.73 5.15
O2 GOL ME . -7.81 -20.38 5.09
C3 GOL ME . -8.08 -22.36 3.75
O3 GOL ME . -9.26 -21.94 3.15
C1 GOL NE . 18.20 0.29 19.72
O1 GOL NE . 18.21 1.21 20.78
C2 GOL NE . 17.57 -1.02 20.28
O2 GOL NE . 16.20 -1.00 20.22
C3 GOL NE . 18.14 -2.12 19.38
O3 GOL NE . 17.15 -3.10 19.35
C1 GOL OE . -11.67 -21.57 7.17
O1 GOL OE . -10.97 -20.48 7.70
C2 GOL OE . -10.96 -22.87 7.63
O2 GOL OE . -11.48 -23.37 8.81
C3 GOL OE . -11.13 -23.86 6.47
O3 GOL OE . -9.94 -24.55 6.38
C1 GOL PE . 4.98 1.29 28.44
O1 GOL PE . 6.10 2.11 28.29
C2 GOL PE . 5.39 0.06 29.29
O2 GOL PE . 4.32 -0.80 29.50
C3 GOL PE . 6.56 -0.62 28.53
O3 GOL PE . 6.14 -1.91 28.17
NA NA QE . -3.46 -28.22 21.46
S SO4 RE . 6.26 -22.01 29.36
O1 SO4 RE . 5.90 -23.10 30.26
O2 SO4 RE . 7.52 -22.31 28.70
O3 SO4 RE . 6.40 -20.78 30.14
O4 SO4 RE . 5.22 -21.84 28.35
S SO4 SE . 18.04 -13.57 22.45
O1 SO4 SE . 17.68 -14.58 23.43
O2 SO4 SE . 19.30 -13.92 21.82
O3 SO4 SE . 18.18 -12.27 23.10
O4 SO4 SE . 16.99 -13.49 21.44
S SO4 TE . -21.67 -6.33 26.78
O1 SO4 TE . -21.26 -5.95 28.14
O2 SO4 TE . -21.38 -7.74 26.57
O3 SO4 TE . -23.10 -6.08 26.64
O4 SO4 TE . -20.93 -5.54 25.80
C1 PEG UE . 10.48 -22.69 23.14
O1 PEG UE . 9.31 -21.94 22.87
C2 PEG UE . 10.17 -24.14 23.31
O2 PEG UE . 10.88 -24.65 24.43
C3 PEG UE . 10.67 -23.92 25.62
C4 PEG UE . 11.62 -24.40 26.68
O4 PEG UE . 11.58 -23.61 27.84
O1 PG4 VE . 11.28 -9.68 28.98
C1 PG4 VE . 11.17 -10.90 28.26
C2 PG4 VE . 10.80 -12.03 29.17
O2 PG4 VE . 10.82 -13.25 28.43
C3 PG4 VE . 10.40 -14.39 29.17
C4 PG4 VE . 9.79 -14.04 30.49
O3 PG4 VE . 9.81 -15.17 31.34
C5 PG4 VE . 10.35 -14.76 32.58
C6 PG4 VE . 10.49 -15.95 33.48
O4 PG4 VE . 9.46 -16.89 33.18
C7 PG4 VE . 9.27 -17.70 34.33
C8 PG4 VE . 7.99 -18.45 34.21
O5 PG4 VE . 6.94 -17.67 34.74
O1 PG4 WE . 5.83 -26.76 21.32
C1 PG4 WE . 6.57 -26.00 20.39
C2 PG4 WE . 6.59 -24.55 20.78
O2 PG4 WE . 6.44 -24.44 22.19
C3 PG4 WE . 6.14 -23.12 22.62
C4 PG4 WE . 5.80 -23.11 24.07
O3 PG4 WE . 6.81 -22.43 24.80
C5 PG4 WE . 6.40 -21.08 24.92
C6 PG4 WE . 7.45 -20.31 25.66
O4 PG4 WE . 8.71 -20.96 25.50
C7 PG4 WE . 9.66 -20.23 26.25
C8 PG4 WE . 10.45 -19.35 25.32
O5 PG4 WE . 9.93 -18.04 25.34
O1 PG4 XE . 13.96 -12.10 31.39
C1 PG4 XE . 14.17 -13.40 31.90
C2 PG4 XE . 13.97 -14.44 30.82
O2 PG4 XE . 14.32 -15.72 31.32
C3 PG4 XE . 14.49 -16.68 30.30
C4 PG4 XE . 13.14 -17.10 29.78
O3 PG4 XE . 12.54 -18.01 30.68
C5 PG4 XE . 11.58 -18.79 29.98
C6 PG4 XE . 10.66 -17.93 29.17
O4 PG4 XE . 9.55 -17.56 29.94
C7 PG4 XE . 8.39 -18.03 29.27
C8 PG4 XE . 7.38 -16.93 29.17
O5 PG4 XE . 6.68 -17.04 27.94
O1 PG4 YE . -30.35 -20.66 26.59
C1 PG4 YE . -30.27 -19.38 25.98
C2 PG4 YE . -29.75 -18.35 26.93
O2 PG4 YE . -29.39 -17.18 26.22
C3 PG4 YE . -29.87 -15.99 26.82
C4 PG4 YE . -28.74 -15.09 27.18
O3 PG4 YE . -29.25 -13.85 27.69
C5 PG4 YE . -28.74 -12.83 26.84
C6 PG4 YE . -27.34 -12.49 27.27
O4 PG4 YE . -26.84 -11.44 26.45
C7 PG4 YE . -27.05 -10.21 27.14
C8 PG4 YE . -26.80 -9.07 26.19
O5 PG4 YE . -25.51 -8.54 26.41
CL CL ZE . -12.75 -29.37 22.18
O1 PG4 AF . -10.47 -14.02 10.64
C1 PG4 AF . -10.79 -15.38 10.39
C2 PG4 AF . -12.27 -15.61 10.46
O2 PG4 AF . -12.70 -16.26 9.28
C3 PG4 AF . -14.01 -16.79 9.41
C4 PG4 AF . -14.09 -18.10 8.69
O3 PG4 AF . -14.34 -19.14 9.62
C5 PG4 AF . -13.21 -19.23 10.50
C6 PG4 AF . -13.56 -20.16 11.61
O4 PG4 AF . -14.06 -21.37 11.06
C7 PG4 AF . -13.51 -22.43 11.83
C8 PG4 AF . -14.21 -23.71 11.49
O5 PG4 AF . -13.28 -24.77 11.52
C1 GOL BF . -0.30 -32.84 17.62
O1 GOL BF . 1.06 -32.56 17.77
C2 GOL BF . -0.47 -34.35 17.89
O2 GOL BF . -1.48 -34.59 18.80
C3 GOL BF . -0.78 -34.95 16.52
O3 GOL BF . -1.26 -36.22 16.77
C1 PEG CF . 15.28 -13.08 27.62
O1 PEG CF . 14.36 -14.15 27.48
C2 PEG CF . 14.77 -11.85 26.94
O2 PEG CF . 14.31 -12.20 25.64
C3 PEG CF . 15.25 -11.90 24.63
C4 PEG CF . 15.72 -10.49 24.79
O4 PEG CF . 16.48 -10.05 23.68
C1 GOL DF . -23.83 -3.94 18.77
O1 GOL DF . -23.92 -2.91 19.69
C2 GOL DF . -22.89 -5.00 19.35
O2 GOL DF . -23.35 -6.28 19.09
C3 GOL DF . -21.51 -4.74 18.69
O3 GOL DF . -21.21 -3.39 18.84
NA NA EF . -9.69 -29.16 20.58
S SO4 FF . 8.10 14.30 16.37
O1 SO4 FF . 7.71 13.35 17.40
O2 SO4 FF . 9.38 13.88 15.78
O3 SO4 FF . 7.08 14.35 15.32
O4 SO4 FF . 8.25 15.62 16.96
O1 PG4 GF . 17.10 -5.31 34.27
C1 PG4 GF . 17.79 -4.53 33.31
C2 PG4 GF . 18.07 -3.15 33.80
O2 PG4 GF . 19.15 -2.59 33.06
C3 PG4 GF . 19.03 -2.79 31.66
C4 PG4 GF . 19.55 -1.59 30.93
O3 PG4 GF . 18.60 -1.17 29.96
C5 PG4 GF . 18.45 -2.24 29.03
C6 PG4 GF . 17.24 -1.98 28.19
O4 PG4 GF . 17.38 -2.63 26.94
C7 PG4 GF . 16.44 -2.05 26.07
C8 PG4 GF . 15.42 -3.08 25.69
O5 PG4 GF . 15.71 -4.31 26.32
NA NA HF . 3.01 11.20 26.88
NA NA IF . 7.14 10.56 34.09
NA NA JF . 12.85 13.44 29.11
NA NA KF . -28.74 -20.05 22.31
O1 PG4 LF . -20.99 -33.44 -26.65
C1 PG4 LF . -22.12 -33.64 -27.49
C2 PG4 LF . -23.07 -32.49 -27.44
O2 PG4 LF . -22.61 -31.52 -26.50
C3 PG4 LF . -22.70 -30.20 -27.02
C4 PG4 LF . -21.78 -29.30 -26.26
O3 PG4 LF . -21.09 -30.05 -25.28
C5 PG4 LF . -19.70 -29.83 -25.50
C6 PG4 LF . -19.28 -28.62 -24.73
O4 PG4 LF . -18.18 -28.01 -25.37
C7 PG4 LF . -18.55 -26.67 -25.70
C8 PG4 LF . -18.78 -25.88 -24.44
O5 PG4 LF . -17.92 -24.75 -24.40
C1 GOL MF . -14.28 -8.87 -32.76
O1 GOL MF . -14.67 -9.53 -33.92
C2 GOL MF . -14.34 -7.35 -33.06
O2 GOL MF . -15.21 -6.68 -32.20
C3 GOL MF . -12.89 -6.85 -32.90
O3 GOL MF . -12.89 -5.53 -33.34
C1 GOL NF . -18.49 -27.46 -32.88
O1 GOL NF . -17.89 -28.15 -33.91
C2 GOL NF . -18.21 -28.25 -31.57
O2 GOL NF . -16.84 -28.46 -31.39
C3 GOL NF . -18.85 -27.41 -30.44
O3 GOL NF . -18.61 -28.08 -29.24
C1 GOL OF . -25.04 -4.78 -33.95
O1 GOL OF . -25.71 -3.66 -33.47
C2 GOL OF . -23.90 -5.07 -32.96
O2 GOL OF . -23.39 -6.36 -33.12
C3 GOL OF . -22.82 -3.98 -33.23
O3 GOL OF . -23.14 -2.89 -32.42
NA NA PF . -29.41 -6.04 -24.73
NA NA QF . -11.88 -1.29 -29.91
S SO4 RF . -27.20 -14.39 -35.48
O1 SO4 RF . -26.83 -14.00 -36.85
O2 SO4 RF . -25.99 -14.51 -34.68
O3 SO4 RF . -27.89 -15.68 -35.52
O4 SO4 RF . -28.08 -13.38 -34.91
C1 PEG SF . -23.22 -15.73 -27.42
O1 PEG SF . -23.11 -17.14 -27.29
C2 PEG SF . -22.57 -15.24 -28.67
O2 PEG SF . -23.34 -14.18 -29.22
C3 PEG SF . -23.09 -12.94 -28.59
C4 PEG SF . -24.25 -12.01 -28.81
O4 PEG SF . -25.18 -12.11 -27.75
C1 PEG TF . -30.28 -10.73 -27.02
O1 PEG TF . -30.57 -12.03 -27.51
C2 PEG TF . -29.61 -10.80 -25.68
O2 PEG TF . -30.00 -11.99 -25.01
C3 PEG TF . -30.61 -11.76 -23.75
C4 PEG TF . -31.48 -12.92 -23.39
O4 PEG TF . -30.75 -13.94 -22.76
C1 PEG UF . -29.10 -21.85 -19.16
O1 PEG UF . -28.75 -20.72 -18.37
C2 PEG UF . -29.73 -22.92 -18.33
O2 PEG UF . -28.87 -24.06 -18.31
C3 PEG UF . -29.59 -25.27 -18.48
C4 PEG UF . -28.68 -26.38 -18.89
O4 PEG UF . -29.32 -27.31 -19.74
C1 PEG VF . -18.41 -8.15 -31.72
O1 PEG VF . -17.10 -8.39 -31.24
C2 PEG VF . -18.84 -6.74 -31.44
O2 PEG VF . -19.60 -6.68 -30.25
C3 PEG VF . -20.34 -5.47 -30.13
C4 PEG VF . -19.48 -4.31 -30.48
O4 PEG VF . -19.44 -3.34 -29.44
O1 PE8 WF . -12.12 -15.48 -25.46
C2 PE8 WF . -12.04 -16.88 -25.55
C3 PE8 WF . -13.33 -17.51 -25.01
O4 PE8 WF . -13.29 -18.89 -25.22
C5 PE8 WF . -13.14 -19.27 -26.56
C6 PE8 WF . -12.99 -20.78 -26.65
O7 PE8 WF . -12.09 -21.10 -27.68
C8 PE8 WF . -11.01 -21.89 -27.28
C9 PE8 WF . -11.30 -23.36 -27.65
O10 PE8 WF . -10.13 -24.11 -27.51
C11 PE8 WF . -9.56 -24.51 -28.73
C12 PE8 WF . -8.73 -25.77 -28.50
O13 PE8 WF . -7.96 -26.03 -29.63
C14 PE8 WF . -6.58 -26.15 -29.35
C15 PE8 WF . -5.77 -25.67 -30.54
O16 PE8 WF . -4.66 -24.92 -30.12
C17 PE8 WF . -3.67 -25.65 -29.46
C18 PE8 WF . -2.29 -25.23 -29.96
O19 PE8 WF . -1.53 -26.36 -30.23
C20 PE8 WF . -0.99 -26.95 -29.09
C21 PE8 WF . -0.67 -28.42 -29.38
O22 PE8 WF . -0.12 -29.07 -28.28
C23 PE8 WF . -0.27 -28.46 -27.03
C24 PE8 WF . 0.57 -29.23 -26.02
O25 PE8 WF . 1.25 -28.35 -25.17
O1 PE8 XF . -17.03 -27.14 -20.81
C2 PE8 XF . -18.36 -26.74 -20.61
C3 PE8 XF . -19.30 -27.88 -20.98
O4 PE8 XF . -19.48 -28.69 -19.85
C5 PE8 XF . -19.94 -29.98 -20.14
C6 PE8 XF . -19.05 -30.62 -21.20
O7 PE8 XF . -19.45 -31.95 -21.38
C8 PE8 XF . -19.55 -32.32 -22.73
C9 PE8 XF . -20.89 -33.00 -22.99
O10 PE8 XF . -21.90 -32.36 -22.26
C11 PE8 XF . -22.72 -31.51 -23.03
C12 PE8 XF . -22.70 -30.13 -22.41
O13 PE8 XF . -23.07 -29.15 -23.34
C14 PE8 XF . -23.61 -28.02 -22.74
C15 PE8 XF . -24.06 -27.01 -23.81
O16 PE8 XF . -24.05 -25.71 -23.29
C17 PE8 XF . -22.96 -25.46 -22.43
C18 PE8 XF . -22.45 -24.03 -22.55
O19 PE8 XF . -21.46 -23.81 -21.58
C20 PE8 XF . -21.73 -24.36 -20.33
C21 PE8 XF . -21.17 -23.46 -19.23
O22 PE8 XF . -22.00 -22.33 -19.11
C23 PE8 XF . -21.30 -21.14 -18.95
C24 PE8 XF . -21.14 -20.46 -20.30
O25 PE8 XF . -21.27 -19.07 -20.13
O1 PE8 YF . -37.20 -16.31 -25.66
C2 PE8 YF . -36.58 -15.39 -24.80
C3 PE8 YF . -35.26 -14.93 -25.43
O4 PE8 YF . -34.27 -14.83 -24.45
C5 PE8 YF . -34.30 -15.85 -23.49
C6 PE8 YF . -33.07 -16.74 -23.62
O7 PE8 YF . -33.42 -18.06 -23.37
C8 PE8 YF . -33.79 -18.76 -24.53
C9 PE8 YF . -33.37 -20.22 -24.38
O10 PE8 YF . -32.03 -20.38 -24.75
C11 PE8 YF . -31.50 -21.60 -24.31
C12 PE8 YF . -30.21 -21.39 -23.53
O13 PE8 YF . -29.90 -20.02 -23.53
C14 PE8 YF . -30.25 -19.36 -22.34
C15 PE8 YF . -29.94 -17.88 -22.56
O16 PE8 YF . -29.72 -17.69 -23.93
C17 PE8 YF . -28.43 -17.26 -24.23
C18 PE8 YF . -28.53 -16.04 -25.15
O19 PE8 YF . -29.87 -15.68 -25.25
C20 PE8 YF . -30.27 -15.38 -26.55
C21 PE8 YF . -31.34 -16.38 -27.00
O22 PE8 YF . -30.78 -17.29 -27.89
C23 PE8 YF . -31.13 -18.61 -27.61
C24 PE8 YF . -30.01 -19.54 -28.07
O25 PE8 YF . -30.13 -19.74 -29.45
#